data_6RZD
#
_entry.id   6RZD
#
_cell.length_a   64.112
_cell.length_b   79.273
_cell.length_c   112.214
_cell.angle_alpha   90.000
_cell.angle_beta   94.720
_cell.angle_gamma   90.000
#
_symmetry.space_group_name_H-M   'P 1 21 1'
#
loop_
_entity.id
_entity.type
_entity.pdbx_description
1 polymer 'exosialidase from uncultured bacterium pG7'
2 non-polymer 'SULFATE ION'
3 non-polymer TRIS(HYDROXYETHYL)AMINOMETHANE
4 non-polymer 'ACETATE ION'
5 non-polymer GLYCEROL
6 water water
#
_entity_poly.entity_id   1
_entity_poly.type   'polypeptide(L)'
_entity_poly.pdbx_seq_one_letter_code
;MRPETIPGISLNEDNSHYFYTRAGRRLSAEEVDSWVDQYAGTQVKELMLCPNCMRTSYASQVWDPIWRGYDPAGPDDQPL
LASLPPEERVAARGWIHTAWQLHQDGIDIYARWIRRCRQRGISPWISMRMNDVHYVNDERCFLHSEFWRENPQLRRVPYR
FAEWTDRAFDYGRAEVREHHLKLIRELAARYDFDGLELDWMRFGFHFRPGYEAEGAEILTAFTAEVRRLLDDWEKRRGHK
IHLGARIPSRPATALGLGMDAVTWARRGLVDMLVITPFWASAETDMPVEIWRQLLEGTGVTLAAGLEVLLRPYPDSPLFQ
TNSLETVRGAAASLLDRGAQRIYLFNYMDSQTAMEDLENYPTLLREIGSLETLAGKPRRHVLTFADTWAPGEPRAIPLPA
TCRPGEWRAFRLHTGPKPEPGEVIAALGIEGGVAIGPETLEVRVNGELCAFLGLVDLSKPRPDFPVYGFSVPLAAMRRGY
NLIEVTARQELRFGWAEFLIRPWHSHHHHHH
;
_entity_poly.pdbx_strand_id   A,B
#
loop_
_chem_comp.id
_chem_comp.type
_chem_comp.name
_chem_comp.formula
ACT non-polymer 'ACETATE ION' 'C2 H3 O2 -1'
GOL non-polymer GLYCEROL 'C3 H8 O3'
SO4 non-polymer 'SULFATE ION' 'O4 S -2'
TAM non-polymer TRIS(HYDROXYETHYL)AMINOMETHANE 'C7 H17 N O3'
#
# COMPACT_ATOMS: atom_id res chain seq x y z
N ILE A 6 -3.58 -28.93 7.59
CA ILE A 6 -2.69 -27.76 7.90
C ILE A 6 -2.39 -27.01 6.60
N PRO A 7 -1.98 -25.73 6.68
CA PRO A 7 -1.54 -25.02 5.48
C PRO A 7 -0.45 -25.83 4.78
N GLY A 8 0.72 -25.98 5.41
CA GLY A 8 1.84 -26.75 4.85
C GLY A 8 2.86 -25.89 4.14
N ILE A 9 3.88 -26.54 3.55
CA ILE A 9 5.09 -25.88 2.95
C ILE A 9 5.13 -26.22 1.47
N SER A 10 5.40 -25.19 0.67
CA SER A 10 5.84 -25.27 -0.75
C SER A 10 7.33 -24.91 -0.75
N LEU A 11 8.18 -25.70 -1.37
CA LEU A 11 9.65 -25.47 -1.34
C LEU A 11 10.16 -25.48 -2.78
N ASN A 12 10.83 -24.38 -3.14
CA ASN A 12 11.40 -24.09 -4.46
C ASN A 12 12.87 -24.52 -4.46
N GLU A 13 13.20 -25.40 -5.40
CA GLU A 13 14.60 -25.79 -5.70
C GLU A 13 14.95 -25.00 -6.97
N ASP A 14 15.98 -24.16 -6.93
CA ASP A 14 16.38 -23.32 -8.10
C ASP A 14 17.05 -24.16 -9.24
N ASN A 15 17.28 -23.50 -10.37
CA ASN A 15 17.69 -24.09 -11.67
C ASN A 15 19.15 -24.57 -11.62
N SER A 16 19.92 -24.14 -10.61
CA SER A 16 21.41 -24.12 -10.62
C SER A 16 21.99 -24.96 -9.47
N HIS A 17 21.35 -24.87 -8.33
CA HIS A 17 21.87 -25.28 -7.00
C HIS A 17 22.33 -26.73 -7.06
N TYR A 18 21.46 -27.62 -7.52
CA TYR A 18 21.72 -29.08 -7.34
C TYR A 18 22.97 -29.42 -8.16
N PHE A 19 23.13 -28.72 -9.29
CA PHE A 19 24.24 -29.00 -10.27
C PHE A 19 25.54 -28.36 -9.77
N TYR A 20 25.46 -27.17 -9.15
CA TYR A 20 26.62 -26.50 -8.51
C TYR A 20 27.22 -27.38 -7.39
N THR A 21 26.38 -27.87 -6.46
CA THR A 21 26.83 -28.43 -5.16
C THR A 21 27.30 -29.89 -5.34
N ARG A 22 26.76 -30.60 -6.34
CA ARG A 22 27.08 -32.02 -6.63
C ARG A 22 28.13 -32.15 -7.74
N ALA A 23 28.69 -31.05 -8.27
CA ALA A 23 29.75 -31.09 -9.32
C ALA A 23 30.89 -32.02 -8.88
N GLY A 24 31.39 -32.84 -9.81
CA GLY A 24 32.66 -33.55 -9.63
C GLY A 24 32.41 -35.01 -9.34
N ARG A 25 31.15 -35.37 -9.04
CA ARG A 25 30.72 -36.78 -8.80
C ARG A 25 29.91 -37.21 -10.01
N ARG A 26 30.19 -38.41 -10.53
CA ARG A 26 29.30 -39.07 -11.51
C ARG A 26 28.07 -39.55 -10.71
N LEU A 27 26.88 -38.97 -10.91
CA LEU A 27 25.67 -39.21 -10.07
C LEU A 27 24.88 -40.40 -10.60
N SER A 28 24.50 -41.33 -9.72
CA SER A 28 23.59 -42.45 -10.04
C SER A 28 22.11 -42.00 -9.93
N ALA A 29 21.26 -42.59 -10.77
CA ALA A 29 19.80 -42.48 -10.66
C ALA A 29 19.41 -42.50 -9.16
N GLU A 30 20.04 -43.37 -8.38
CA GLU A 30 19.72 -43.59 -6.95
C GLU A 30 19.98 -42.30 -6.19
N GLU A 31 21.17 -41.74 -6.32
CA GLU A 31 21.54 -40.47 -5.66
C GLU A 31 20.60 -39.35 -6.11
N VAL A 32 20.33 -39.23 -7.41
CA VAL A 32 19.38 -38.20 -7.90
C VAL A 32 18.09 -38.34 -7.06
N ASP A 33 17.49 -39.53 -7.05
CA ASP A 33 16.20 -39.79 -6.34
C ASP A 33 16.32 -39.45 -4.85
N SER A 34 17.46 -39.70 -4.20
CA SER A 34 17.57 -39.55 -2.72
C SER A 34 17.37 -38.07 -2.31
N TRP A 35 17.61 -37.09 -3.20
CA TRP A 35 17.44 -35.65 -2.92
C TRP A 35 15.99 -35.34 -2.49
N VAL A 36 15.00 -35.96 -3.14
CA VAL A 36 13.54 -35.83 -2.82
C VAL A 36 13.30 -36.36 -1.40
N ASP A 37 14.03 -37.37 -0.97
CA ASP A 37 13.68 -38.14 0.27
C ASP A 37 13.81 -37.24 1.48
N GLN A 38 14.78 -36.32 1.47
CA GLN A 38 15.03 -35.38 2.60
C GLN A 38 13.73 -34.57 2.88
N TYR A 39 12.86 -34.40 1.89
CA TYR A 39 11.63 -33.57 1.98
C TYR A 39 10.43 -34.45 2.37
N ALA A 40 10.55 -35.79 2.25
CA ALA A 40 9.49 -36.76 2.66
C ALA A 40 9.28 -36.74 4.18
N GLY A 41 8.02 -36.90 4.57
CA GLY A 41 7.57 -37.02 5.98
C GLY A 41 7.61 -35.70 6.72
N THR A 42 7.55 -34.57 6.02
CA THR A 42 7.66 -33.21 6.62
C THR A 42 6.38 -32.43 6.33
N GLN A 43 6.36 -31.10 6.54
CA GLN A 43 5.12 -30.34 6.27
C GLN A 43 5.15 -29.88 4.80
N VAL A 44 6.24 -30.20 4.09
CA VAL A 44 6.37 -29.97 2.63
C VAL A 44 5.27 -30.77 1.92
N LYS A 45 4.43 -30.08 1.15
CA LYS A 45 3.30 -30.63 0.35
C LYS A 45 3.64 -30.60 -1.14
N GLU A 46 4.38 -29.58 -1.61
CA GLU A 46 4.78 -29.43 -3.03
C GLU A 46 6.27 -29.11 -3.10
N LEU A 47 6.98 -29.74 -4.02
CA LEU A 47 8.32 -29.27 -4.40
C LEU A 47 8.17 -28.50 -5.72
N MET A 48 8.60 -27.24 -5.73
CA MET A 48 8.60 -26.36 -6.92
C MET A 48 9.99 -26.51 -7.57
N LEU A 49 10.07 -27.36 -8.59
CA LEU A 49 11.34 -27.75 -9.26
C LEU A 49 11.58 -26.79 -10.44
N CYS A 50 12.55 -25.89 -10.32
CA CYS A 50 12.84 -24.88 -11.35
C CYS A 50 13.85 -25.43 -12.35
N PRO A 51 13.51 -25.54 -13.65
CA PRO A 51 14.41 -26.08 -14.66
C PRO A 51 14.92 -25.09 -15.70
N ASN A 52 14.98 -23.78 -15.38
CA ASN A 52 15.47 -22.85 -16.42
C ASN A 52 15.90 -21.55 -15.76
N CYS A 53 16.77 -20.84 -16.48
CA CYS A 53 16.93 -19.39 -16.43
C CYS A 53 16.70 -18.97 -17.90
N MET A 54 17.63 -18.26 -18.55
CA MET A 54 17.49 -18.05 -20.02
C MET A 54 17.78 -19.39 -20.71
N ARG A 55 18.49 -20.29 -20.05
CA ARG A 55 18.80 -21.63 -20.60
C ARG A 55 18.21 -22.71 -19.69
N THR A 56 17.99 -23.92 -20.22
CA THR A 56 17.43 -25.00 -19.39
C THR A 56 18.56 -25.85 -18.78
N SER A 57 18.25 -26.50 -17.66
CA SER A 57 19.19 -27.40 -16.95
C SER A 57 19.00 -28.84 -17.47
N TYR A 58 17.91 -29.11 -18.20
CA TYR A 58 17.70 -30.40 -18.91
C TYR A 58 18.02 -30.20 -20.39
N ALA A 59 17.84 -31.26 -21.17
CA ALA A 59 18.22 -31.30 -22.59
C ALA A 59 17.01 -30.86 -23.41
N SER A 60 16.71 -29.55 -23.40
CA SER A 60 15.56 -28.97 -24.14
C SER A 60 15.84 -29.05 -25.65
N GLN A 61 14.81 -29.22 -26.47
CA GLN A 61 14.86 -29.26 -27.96
C GLN A 61 14.37 -27.93 -28.59
N VAL A 62 13.67 -27.07 -27.84
CA VAL A 62 13.17 -25.72 -28.27
C VAL A 62 13.95 -24.57 -27.63
N TRP A 63 14.69 -24.79 -26.53
CA TRP A 63 15.57 -23.77 -25.89
C TRP A 63 17.02 -24.26 -25.81
N ASP A 64 17.96 -23.38 -25.49
CA ASP A 64 19.38 -23.74 -25.26
C ASP A 64 19.53 -24.40 -23.88
N PRO A 65 20.02 -25.66 -23.80
CA PRO A 65 20.46 -26.21 -22.53
C PRO A 65 21.65 -25.36 -22.05
N ILE A 66 21.86 -25.35 -20.75
CA ILE A 66 22.95 -24.61 -20.07
C ILE A 66 24.27 -24.94 -20.78
N TRP A 67 24.38 -26.10 -21.43
CA TRP A 67 25.69 -26.60 -21.93
C TRP A 67 25.83 -26.35 -23.42
N ARG A 68 24.92 -25.59 -24.02
CA ARG A 68 25.13 -25.19 -25.44
C ARG A 68 26.47 -24.44 -25.57
N GLY A 69 27.37 -24.82 -26.50
CA GLY A 69 28.70 -24.19 -26.62
C GLY A 69 29.78 -24.95 -25.87
N TYR A 70 29.38 -25.96 -25.10
CA TYR A 70 30.23 -26.57 -24.04
C TYR A 70 31.16 -27.61 -24.67
N ASP A 71 32.45 -27.54 -24.36
CA ASP A 71 33.43 -28.59 -24.77
C ASP A 71 33.73 -29.48 -23.56
N PRO A 72 33.04 -30.63 -23.37
CA PRO A 72 33.22 -31.44 -22.17
C PRO A 72 34.69 -31.71 -21.86
N ALA A 73 35.46 -32.08 -22.90
CA ALA A 73 36.89 -32.46 -22.86
C ALA A 73 37.83 -31.24 -22.73
N GLY A 74 37.32 -30.02 -22.91
CA GLY A 74 38.11 -28.80 -23.05
C GLY A 74 38.64 -28.26 -21.72
N PRO A 75 39.55 -27.26 -21.79
CA PRO A 75 40.00 -26.52 -20.63
C PRO A 75 38.88 -25.57 -20.18
N ASP A 76 38.88 -25.18 -18.91
CA ASP A 76 37.96 -24.13 -18.37
C ASP A 76 37.91 -22.88 -19.26
N ASP A 77 39.06 -22.49 -19.81
CA ASP A 77 39.20 -21.31 -20.67
C ASP A 77 38.77 -21.71 -22.08
N GLN A 78 37.46 -21.83 -22.28
CA GLN A 78 36.87 -22.22 -23.59
C GLN A 78 35.81 -21.16 -23.91
N PRO A 79 35.46 -20.98 -25.19
CA PRO A 79 34.56 -19.90 -25.61
C PRO A 79 33.29 -19.73 -24.75
N LEU A 80 32.60 -20.79 -24.35
CA LEU A 80 31.35 -20.65 -23.53
C LEU A 80 31.63 -19.90 -22.20
N LEU A 81 32.82 -20.08 -21.59
CA LEU A 81 33.19 -19.57 -20.23
C LEU A 81 34.27 -18.47 -20.30
N ALA A 82 34.76 -18.15 -21.50
CA ALA A 82 35.83 -17.17 -21.77
C ALA A 82 35.54 -15.84 -21.03
N SER A 83 34.28 -15.38 -21.02
CA SER A 83 33.93 -14.05 -20.47
C SER A 83 34.03 -14.03 -18.95
N LEU A 84 34.09 -15.19 -18.28
CA LEU A 84 34.18 -15.15 -16.79
C LEU A 84 35.64 -15.08 -16.35
N PRO A 85 35.90 -14.45 -15.17
CA PRO A 85 37.18 -14.60 -14.50
C PRO A 85 37.48 -16.08 -14.24
N PRO A 86 38.77 -16.50 -14.23
CA PRO A 86 39.17 -17.90 -14.14
C PRO A 86 38.50 -18.78 -13.06
N GLU A 87 38.29 -18.22 -11.87
CA GLU A 87 37.85 -19.00 -10.68
C GLU A 87 36.32 -19.10 -10.67
N GLU A 88 35.61 -18.25 -11.44
CA GLU A 88 34.13 -18.35 -11.58
C GLU A 88 33.80 -19.33 -12.70
N ARG A 89 34.74 -19.55 -13.63
CA ARG A 89 34.56 -20.60 -14.65
C ARG A 89 34.35 -21.94 -13.91
N VAL A 90 34.97 -22.11 -12.74
CA VAL A 90 34.99 -23.44 -12.03
C VAL A 90 33.58 -23.76 -11.57
N ALA A 91 32.91 -22.80 -10.95
CA ALA A 91 31.56 -22.94 -10.41
C ALA A 91 30.59 -23.08 -11.59
N ALA A 92 30.67 -22.19 -12.60
CA ALA A 92 29.83 -22.25 -13.81
C ALA A 92 29.93 -23.63 -14.48
N ARG A 93 31.15 -24.07 -14.69
CA ARG A 93 31.42 -25.35 -15.39
C ARG A 93 30.96 -26.48 -14.48
N GLY A 94 30.97 -26.31 -13.15
CA GLY A 94 30.34 -27.27 -12.21
C GLY A 94 28.87 -27.50 -12.60
N TRP A 95 28.12 -26.45 -12.75
CA TRP A 95 26.68 -26.57 -13.09
C TRP A 95 26.54 -27.23 -14.48
N ILE A 96 27.21 -26.66 -15.48
CA ILE A 96 27.12 -27.05 -16.90
C ILE A 96 27.54 -28.52 -17.00
N HIS A 97 28.69 -28.86 -16.45
CA HIS A 97 29.20 -30.25 -16.57
C HIS A 97 28.25 -31.22 -15.87
N THR A 98 27.70 -30.88 -14.70
CA THR A 98 26.91 -31.85 -13.93
C THR A 98 25.62 -32.14 -14.71
N ALA A 99 24.99 -31.06 -15.21
CA ALA A 99 23.77 -31.04 -16.04
C ALA A 99 23.99 -31.85 -17.30
N TRP A 100 25.12 -31.60 -17.95
CA TRP A 100 25.48 -32.23 -19.23
C TRP A 100 25.67 -33.75 -19.06
N GLN A 101 26.45 -34.15 -18.06
CA GLN A 101 26.76 -35.55 -17.71
C GLN A 101 25.48 -36.32 -17.37
N LEU A 102 24.50 -35.70 -16.71
CA LEU A 102 23.22 -36.36 -16.33
C LEU A 102 22.48 -36.74 -17.61
N HIS A 103 22.31 -35.79 -18.55
CA HIS A 103 21.74 -36.09 -19.91
C HIS A 103 22.46 -37.29 -20.54
N GLN A 104 23.80 -37.27 -20.63
CA GLN A 104 24.61 -38.33 -21.30
C GLN A 104 24.38 -39.70 -20.64
N ASP A 105 24.21 -39.72 -19.33
CA ASP A 105 23.84 -40.95 -18.60
C ASP A 105 22.35 -41.27 -18.79
N GLY A 106 21.61 -40.61 -19.67
CA GLY A 106 20.19 -40.89 -19.92
C GLY A 106 19.32 -40.65 -18.70
N ILE A 107 19.76 -39.77 -17.78
CA ILE A 107 19.01 -39.40 -16.54
C ILE A 107 18.35 -38.04 -16.78
N ASP A 108 17.02 -37.99 -16.77
CA ASP A 108 16.29 -36.71 -16.83
C ASP A 108 15.99 -36.37 -15.36
N ILE A 109 16.74 -35.45 -14.78
CA ILE A 109 16.66 -35.12 -13.33
C ILE A 109 15.21 -34.73 -12.95
N TYR A 110 14.52 -33.98 -13.81
CA TYR A 110 13.14 -33.51 -13.50
C TYR A 110 12.13 -34.67 -13.63
N ALA A 111 12.25 -35.57 -14.64
CA ALA A 111 11.40 -36.77 -14.77
C ALA A 111 11.53 -37.67 -13.55
N ARG A 112 12.75 -37.86 -13.06
CA ARG A 112 13.02 -38.70 -11.86
C ARG A 112 12.47 -38.02 -10.60
N TRP A 113 12.79 -36.74 -10.37
CA TRP A 113 12.30 -35.98 -9.18
C TRP A 113 10.79 -36.06 -9.05
N ILE A 114 10.07 -35.71 -10.11
CA ILE A 114 8.59 -35.82 -10.23
C ILE A 114 8.18 -37.21 -9.73
N ARG A 115 8.63 -38.25 -10.45
CA ARG A 115 8.39 -39.67 -10.13
C ARG A 115 8.63 -39.97 -8.64
N ARG A 116 9.81 -39.66 -8.13
CA ARG A 116 10.17 -39.93 -6.70
C ARG A 116 9.26 -39.12 -5.74
N CYS A 117 9.05 -37.81 -5.97
CA CYS A 117 8.03 -37.00 -5.22
C CYS A 117 6.74 -37.84 -5.10
N ARG A 118 6.27 -38.41 -6.23
CA ARG A 118 4.93 -39.07 -6.27
C ARG A 118 4.93 -40.29 -5.34
N GLN A 119 6.04 -41.06 -5.32
CA GLN A 119 6.23 -42.23 -4.42
C GLN A 119 6.24 -41.75 -2.96
N ARG A 120 6.84 -40.60 -2.67
CA ARG A 120 7.02 -40.13 -1.26
C ARG A 120 5.86 -39.21 -0.85
N GLY A 121 4.77 -39.18 -1.63
CA GLY A 121 3.53 -38.43 -1.31
C GLY A 121 3.72 -36.92 -1.29
N ILE A 122 4.65 -36.39 -2.09
CA ILE A 122 4.84 -34.95 -2.33
C ILE A 122 4.17 -34.63 -3.67
N SER A 123 3.57 -33.45 -3.80
CA SER A 123 3.03 -32.99 -5.09
C SER A 123 4.18 -32.36 -5.87
N PRO A 124 4.55 -32.87 -7.06
CA PRO A 124 5.68 -32.31 -7.80
C PRO A 124 5.23 -31.17 -8.72
N TRP A 125 5.85 -29.99 -8.62
CA TRP A 125 5.55 -28.86 -9.54
C TRP A 125 6.75 -28.57 -10.45
N ILE A 126 6.45 -27.94 -11.58
CA ILE A 126 7.50 -27.23 -12.36
C ILE A 126 7.28 -25.73 -12.17
N SER A 127 8.34 -25.00 -11.81
CA SER A 127 8.39 -23.52 -11.64
C SER A 127 9.31 -22.94 -12.72
N MET A 128 8.77 -22.28 -13.76
CA MET A 128 9.55 -21.55 -14.80
C MET A 128 9.92 -20.12 -14.37
N ARG A 129 11.19 -19.75 -14.54
CA ARG A 129 11.62 -18.35 -14.41
C ARG A 129 11.24 -17.68 -15.73
N MET A 130 10.38 -16.65 -15.68
CA MET A 130 9.78 -16.07 -16.92
C MET A 130 10.73 -15.05 -17.53
N ASN A 131 11.73 -14.58 -16.84
CA ASN A 131 12.52 -13.43 -17.32
C ASN A 131 13.76 -13.22 -16.42
N ASP A 132 14.57 -14.27 -16.24
CA ASP A 132 15.84 -14.24 -15.51
C ASP A 132 16.87 -13.41 -16.32
N VAL A 133 17.62 -12.57 -15.59
CA VAL A 133 18.61 -11.60 -16.14
C VAL A 133 19.90 -11.61 -15.28
N HIS A 134 20.28 -12.75 -14.67
CA HIS A 134 21.60 -12.80 -13.95
C HIS A 134 22.72 -12.42 -14.91
N TYR A 135 23.52 -11.42 -14.54
CA TYR A 135 24.83 -11.10 -15.20
C TYR A 135 24.59 -10.60 -16.63
N VAL A 136 23.46 -9.92 -16.89
CA VAL A 136 23.14 -9.40 -18.26
C VAL A 136 24.04 -8.21 -18.56
N ASN A 137 24.89 -7.80 -17.63
CA ASN A 137 25.99 -6.84 -17.90
C ASN A 137 27.06 -7.48 -18.80
N ASP A 138 27.13 -8.82 -18.80
CA ASP A 138 28.06 -9.68 -19.58
C ASP A 138 27.22 -10.32 -20.68
N GLU A 139 27.25 -9.70 -21.87
CA GLU A 139 26.50 -10.13 -23.06
C GLU A 139 27.12 -11.42 -23.61
N ARG A 140 28.35 -11.76 -23.20
CA ARG A 140 29.02 -13.04 -23.60
C ARG A 140 28.77 -14.18 -22.59
N CYS A 141 27.98 -13.95 -21.55
CA CYS A 141 27.85 -14.86 -20.40
C CYS A 141 27.20 -16.20 -20.81
N PHE A 142 27.68 -17.30 -20.22
CA PHE A 142 27.32 -18.69 -20.63
C PHE A 142 25.83 -18.93 -20.45
N LEU A 143 25.18 -18.30 -19.47
CA LEU A 143 23.79 -18.68 -19.11
C LEU A 143 22.73 -17.81 -19.82
N HIS A 144 23.14 -16.89 -20.69
CA HIS A 144 22.18 -16.14 -21.55
C HIS A 144 21.82 -16.99 -22.80
N SER A 145 20.57 -16.97 -23.25
CA SER A 145 20.09 -17.63 -24.51
C SER A 145 20.58 -16.87 -25.74
N GLU A 146 21.00 -17.61 -26.79
CA GLU A 146 21.39 -16.99 -28.08
C GLU A 146 20.24 -16.06 -28.55
N PHE A 147 18.98 -16.50 -28.34
CA PHE A 147 17.76 -15.73 -28.63
C PHE A 147 17.81 -14.38 -27.93
N TRP A 148 18.23 -14.33 -26.66
CA TRP A 148 18.48 -13.07 -25.92
C TRP A 148 19.63 -12.30 -26.57
N ARG A 149 20.74 -12.99 -26.83
CA ARG A 149 22.00 -12.33 -27.29
C ARG A 149 21.73 -11.62 -28.63
N GLU A 150 20.89 -12.21 -29.47
CA GLU A 150 20.72 -11.86 -30.89
C GLU A 150 19.62 -10.81 -31.05
N ASN A 151 18.86 -10.50 -30.00
CA ASN A 151 17.63 -9.68 -30.08
C ASN A 151 17.65 -8.58 -29.02
N PRO A 152 18.66 -7.69 -29.03
CA PRO A 152 18.65 -6.54 -28.13
C PRO A 152 17.36 -5.69 -28.22
N GLN A 153 16.78 -5.53 -29.42
CA GLN A 153 15.53 -4.77 -29.72
C GLN A 153 14.31 -5.32 -28.98
N LEU A 154 14.35 -6.54 -28.43
CA LEU A 154 13.25 -7.08 -27.60
C LEU A 154 13.44 -6.82 -26.07
N ARG A 155 14.37 -5.98 -25.63
CA ARG A 155 14.57 -5.68 -24.19
C ARG A 155 13.62 -4.56 -23.75
N ARG A 156 13.39 -4.46 -22.44
CA ARG A 156 12.51 -3.46 -21.77
C ARG A 156 13.00 -2.02 -21.96
N VAL A 157 14.30 -1.74 -21.88
CA VAL A 157 14.81 -0.35 -21.67
C VAL A 157 16.00 -0.13 -22.60
N PRO A 158 15.79 0.43 -23.82
CA PRO A 158 16.91 0.73 -24.71
C PRO A 158 17.75 1.96 -24.31
N TYR A 159 17.21 2.87 -23.52
CA TYR A 159 17.76 4.24 -23.39
C TYR A 159 18.74 4.26 -22.22
N ARG A 160 18.95 3.12 -21.54
CA ARG A 160 19.94 3.15 -20.41
C ARG A 160 20.15 1.74 -19.82
N PHE A 161 21.26 1.56 -19.07
CA PHE A 161 21.55 0.27 -18.42
C PHE A 161 22.05 0.58 -17.00
N ALA A 162 21.13 0.69 -16.03
CA ALA A 162 21.46 0.95 -14.60
C ALA A 162 21.14 -0.29 -13.77
N GLU A 163 20.28 -1.21 -14.23
CA GLU A 163 19.96 -2.48 -13.52
C GLU A 163 19.81 -3.60 -14.54
N TRP A 164 20.04 -4.83 -14.12
CA TRP A 164 19.86 -6.07 -14.93
C TRP A 164 18.47 -6.11 -15.57
N THR A 165 17.41 -5.72 -14.86
CA THR A 165 16.01 -5.70 -15.37
C THR A 165 15.89 -4.76 -16.59
N ASP A 166 16.81 -3.80 -16.76
CA ASP A 166 16.91 -2.94 -17.96
C ASP A 166 17.13 -3.81 -19.21
N ARG A 167 17.74 -5.02 -19.09
CA ARG A 167 18.00 -5.86 -20.29
C ARG A 167 17.08 -7.05 -20.31
N ALA A 168 16.06 -7.10 -19.43
CA ALA A 168 15.03 -8.15 -19.41
C ALA A 168 14.21 -8.10 -20.70
N PHE A 169 13.61 -9.22 -21.06
CA PHE A 169 12.72 -9.31 -22.23
C PHE A 169 11.46 -8.46 -21.93
N ASP A 170 10.97 -7.78 -22.95
CA ASP A 170 9.69 -7.02 -23.00
C ASP A 170 8.55 -7.94 -23.47
N TYR A 171 7.68 -8.44 -22.58
CA TYR A 171 6.52 -9.32 -22.89
C TYR A 171 5.48 -8.48 -23.66
N GLY A 172 5.64 -7.16 -23.71
CA GLY A 172 4.94 -6.32 -24.72
C GLY A 172 5.12 -6.87 -26.14
N ARG A 173 6.20 -7.57 -26.43
CA ARG A 173 6.50 -8.07 -27.80
C ARG A 173 5.98 -9.51 -27.93
N ALA A 174 5.35 -9.80 -29.08
CA ALA A 174 4.76 -11.11 -29.44
C ALA A 174 5.84 -12.20 -29.53
N GLU A 175 7.03 -11.84 -29.98
CA GLU A 175 8.12 -12.83 -30.16
C GLU A 175 8.66 -13.25 -28.78
N VAL A 176 8.63 -12.33 -27.81
CA VAL A 176 9.02 -12.61 -26.41
C VAL A 176 8.00 -13.58 -25.78
N ARG A 177 6.70 -13.29 -25.81
CA ARG A 177 5.68 -14.24 -25.29
C ARG A 177 5.79 -15.61 -26.02
N GLU A 178 5.87 -15.59 -27.36
CA GLU A 178 6.01 -16.85 -28.16
C GLU A 178 7.25 -17.62 -27.66
N HIS A 179 8.40 -16.96 -27.50
CA HIS A 179 9.61 -17.57 -26.92
C HIS A 179 9.32 -18.33 -25.61
N HIS A 180 8.59 -17.72 -24.66
CA HIS A 180 8.31 -18.33 -23.33
C HIS A 180 7.19 -19.39 -23.43
N LEU A 181 6.21 -19.20 -24.32
CA LEU A 181 5.16 -20.21 -24.56
C LEU A 181 5.77 -21.48 -25.20
N LYS A 182 6.83 -21.36 -26.02
CA LYS A 182 7.56 -22.53 -26.58
C LYS A 182 8.05 -23.45 -25.43
N LEU A 183 8.66 -22.89 -24.38
CA LEU A 183 9.22 -23.70 -23.26
C LEU A 183 8.08 -24.36 -22.48
N ILE A 184 6.97 -23.65 -22.31
CA ILE A 184 5.75 -24.11 -21.57
C ILE A 184 5.14 -25.30 -22.33
N ARG A 185 4.94 -25.15 -23.64
CA ARG A 185 4.47 -26.25 -24.52
C ARG A 185 5.39 -27.49 -24.36
N GLU A 186 6.71 -27.34 -24.40
CA GLU A 186 7.68 -28.43 -24.15
C GLU A 186 7.51 -29.00 -22.74
N LEU A 187 7.46 -28.14 -21.72
CA LEU A 187 7.48 -28.56 -20.30
C LEU A 187 6.21 -29.37 -20.03
N ALA A 188 5.07 -28.96 -20.57
CA ALA A 188 3.79 -29.70 -20.39
C ALA A 188 3.83 -31.09 -21.08
N ALA A 189 4.55 -31.24 -22.20
CA ALA A 189 4.61 -32.50 -22.98
C ALA A 189 5.61 -33.44 -22.33
N ARG A 190 6.75 -32.90 -21.90
CA ARG A 190 7.89 -33.68 -21.36
C ARG A 190 7.57 -34.23 -19.98
N TYR A 191 6.97 -33.39 -19.12
CA TYR A 191 6.87 -33.65 -17.69
C TYR A 191 5.37 -33.68 -17.31
N ASP A 192 4.99 -34.77 -16.64
CA ASP A 192 3.64 -34.97 -16.06
C ASP A 192 3.67 -34.47 -14.62
N PHE A 193 3.60 -33.16 -14.46
CA PHE A 193 3.63 -32.42 -13.18
C PHE A 193 2.21 -32.23 -12.64
N ASP A 194 2.06 -32.04 -11.33
CA ASP A 194 0.75 -31.72 -10.70
C ASP A 194 0.33 -30.27 -10.98
N GLY A 195 1.32 -29.38 -11.19
CA GLY A 195 1.06 -27.97 -11.52
C GLY A 195 2.28 -27.27 -12.06
N LEU A 196 2.02 -26.23 -12.85
CA LEU A 196 3.04 -25.35 -13.46
C LEU A 196 3.01 -24.00 -12.74
N GLU A 197 4.12 -23.54 -12.20
CA GLU A 197 4.18 -22.21 -11.54
C GLU A 197 4.92 -21.28 -12.49
N LEU A 198 4.22 -20.22 -12.92
CA LEU A 198 4.80 -19.09 -13.68
C LEU A 198 5.54 -18.19 -12.69
N ASP A 199 6.86 -18.37 -12.50
CA ASP A 199 7.68 -17.53 -11.59
C ASP A 199 8.01 -16.17 -12.24
N TRP A 200 7.08 -15.21 -12.10
CA TRP A 200 7.13 -13.86 -12.74
C TRP A 200 8.13 -13.06 -11.95
N MET A 201 8.42 -13.52 -10.73
CA MET A 201 9.28 -12.82 -9.74
C MET A 201 10.77 -13.01 -10.04
N ARG A 202 11.04 -13.67 -11.15
CA ARG A 202 12.41 -13.77 -11.68
C ARG A 202 12.35 -13.10 -13.07
N PHE A 203 12.48 -11.77 -13.14
CA PHE A 203 12.88 -10.83 -12.04
C PHE A 203 11.75 -9.84 -11.72
N GLY A 204 10.52 -10.09 -12.17
CA GLY A 204 9.33 -9.27 -11.81
C GLY A 204 9.05 -8.12 -12.76
N PHE A 205 10.00 -7.76 -13.64
CA PHE A 205 9.98 -6.65 -14.62
C PHE A 205 9.95 -7.20 -16.06
N HIS A 206 8.79 -7.07 -16.72
CA HIS A 206 8.45 -7.75 -17.99
C HIS A 206 8.03 -6.74 -19.08
N PHE A 207 8.05 -5.41 -18.81
CA PHE A 207 7.41 -4.44 -19.75
C PHE A 207 8.24 -3.16 -19.81
N ARG A 208 8.21 -2.46 -20.95
CA ARG A 208 8.74 -1.07 -21.04
C ARG A 208 8.18 -0.24 -19.89
N PRO A 209 9.01 0.56 -19.18
CA PRO A 209 8.51 1.49 -18.17
C PRO A 209 7.43 2.46 -18.72
N GLY A 210 6.23 2.42 -18.13
CA GLY A 210 5.04 3.19 -18.52
C GLY A 210 3.96 2.37 -19.23
N TYR A 211 4.30 1.17 -19.75
CA TYR A 211 3.35 0.33 -20.54
C TYR A 211 2.74 -0.79 -19.67
N GLU A 212 2.79 -0.67 -18.35
CA GLU A 212 2.48 -1.80 -17.44
C GLU A 212 1.00 -2.12 -17.42
N ALA A 213 0.12 -1.23 -17.88
CA ALA A 213 -1.33 -1.46 -17.87
C ALA A 213 -1.72 -2.22 -19.16
N GLU A 214 -1.24 -1.79 -20.32
CA GLU A 214 -1.22 -2.72 -21.49
C GLU A 214 -0.65 -4.07 -20.99
N GLY A 215 0.49 -4.08 -20.29
CA GLY A 215 1.08 -5.33 -19.76
C GLY A 215 0.07 -6.21 -19.04
N ALA A 216 -0.78 -5.62 -18.19
CA ALA A 216 -1.79 -6.34 -17.37
C ALA A 216 -2.73 -7.16 -18.26
N GLU A 217 -3.29 -6.53 -19.29
CA GLU A 217 -4.16 -7.20 -20.28
C GLU A 217 -3.32 -8.30 -20.94
N ILE A 218 -2.08 -7.98 -21.29
CA ILE A 218 -1.16 -8.94 -21.97
C ILE A 218 -0.85 -10.15 -21.06
N LEU A 219 -0.49 -9.97 -19.78
CA LEU A 219 -0.13 -11.16 -18.97
C LEU A 219 -1.36 -12.04 -18.69
N THR A 220 -2.55 -11.44 -18.53
CA THR A 220 -3.84 -12.13 -18.31
C THR A 220 -4.15 -13.03 -19.51
N ALA A 221 -3.99 -12.49 -20.72
CA ALA A 221 -4.28 -13.22 -21.97
C ALA A 221 -3.25 -14.35 -22.12
N PHE A 222 -1.97 -14.11 -21.83
CA PHE A 222 -0.94 -15.17 -21.79
C PHE A 222 -1.39 -16.23 -20.76
N THR A 223 -1.70 -15.83 -19.52
CA THR A 223 -1.97 -16.81 -18.46
C THR A 223 -3.13 -17.69 -18.96
N ALA A 224 -4.16 -17.08 -19.56
CA ALA A 224 -5.35 -17.77 -20.10
C ALA A 224 -4.94 -18.83 -21.13
N GLU A 225 -4.03 -18.48 -22.04
CA GLU A 225 -3.50 -19.40 -23.10
C GLU A 225 -2.84 -20.60 -22.40
N VAL A 226 -2.00 -20.35 -21.39
CA VAL A 226 -1.33 -21.39 -20.52
C VAL A 226 -2.42 -22.27 -19.89
N ARG A 227 -3.42 -21.67 -19.22
CA ARG A 227 -4.58 -22.46 -18.69
C ARG A 227 -5.23 -23.35 -19.75
N ARG A 228 -5.48 -22.84 -20.98
CA ARG A 228 -6.20 -23.58 -22.05
C ARG A 228 -5.31 -24.75 -22.49
N LEU A 229 -4.02 -24.51 -22.62
CA LEU A 229 -3.02 -25.55 -22.93
C LEU A 229 -3.08 -26.66 -21.88
N LEU A 230 -2.96 -26.31 -20.59
CA LEU A 230 -2.95 -27.33 -19.50
C LEU A 230 -4.29 -28.08 -19.46
N ASP A 231 -5.39 -27.52 -19.97
CA ASP A 231 -6.72 -28.20 -19.99
C ASP A 231 -6.67 -29.34 -21.02
N ASP A 232 -5.98 -29.11 -22.15
CA ASP A 232 -5.66 -30.18 -23.14
C ASP A 232 -4.86 -31.29 -22.45
N TRP A 233 -3.74 -30.95 -21.80
CA TRP A 233 -2.86 -31.94 -21.12
C TRP A 233 -3.62 -32.65 -19.99
N GLU A 234 -4.52 -31.97 -19.27
CA GLU A 234 -5.38 -32.61 -18.24
C GLU A 234 -6.08 -33.85 -18.84
N LYS A 235 -6.60 -33.74 -20.06
CA LYS A 235 -7.33 -34.85 -20.73
C LYS A 235 -6.35 -35.96 -21.15
N ARG A 236 -5.14 -35.62 -21.61
CA ARG A 236 -4.11 -36.60 -22.01
C ARG A 236 -3.53 -37.30 -20.78
N ARG A 237 -3.29 -36.59 -19.67
CA ARG A 237 -2.66 -37.14 -18.43
C ARG A 237 -3.68 -37.87 -17.53
N GLY A 238 -4.98 -37.61 -17.68
CA GLY A 238 -6.06 -38.26 -16.91
C GLY A 238 -6.30 -37.63 -15.53
N HIS A 239 -5.67 -36.50 -15.21
CA HIS A 239 -5.77 -35.88 -13.85
C HIS A 239 -5.61 -34.36 -13.89
N LYS A 240 -6.08 -33.68 -12.84
CA LYS A 240 -6.09 -32.19 -12.75
C LYS A 240 -4.63 -31.68 -12.80
N ILE A 241 -4.37 -30.64 -13.59
CA ILE A 241 -3.06 -29.94 -13.63
C ILE A 241 -3.32 -28.54 -13.13
N HIS A 242 -2.57 -28.10 -12.12
CA HIS A 242 -2.69 -26.76 -11.49
C HIS A 242 -1.89 -25.71 -12.26
N LEU A 243 -2.34 -24.46 -12.25
CA LEU A 243 -1.54 -23.29 -12.69
C LEU A 243 -1.49 -22.33 -11.50
N GLY A 244 -0.27 -21.97 -11.08
CA GLY A 244 0.01 -20.91 -10.08
C GLY A 244 1.04 -19.92 -10.62
N ALA A 245 1.28 -18.84 -9.85
CA ALA A 245 2.23 -17.76 -10.17
C ALA A 245 2.81 -17.11 -8.92
N ARG A 246 3.99 -16.56 -9.08
CA ARG A 246 4.67 -15.72 -8.09
C ARG A 246 4.48 -14.26 -8.57
N ILE A 247 4.15 -13.36 -7.65
CA ILE A 247 3.76 -11.97 -7.90
C ILE A 247 4.31 -11.15 -6.72
N PRO A 248 4.34 -9.81 -6.83
CA PRO A 248 4.76 -8.99 -5.70
C PRO A 248 3.83 -9.10 -4.48
N SER A 249 4.36 -8.61 -3.36
CA SER A 249 3.83 -8.81 -1.97
C SER A 249 2.65 -7.88 -1.71
N ARG A 250 2.55 -6.75 -2.40
CA ARG A 250 1.42 -5.81 -2.21
C ARG A 250 0.60 -5.78 -3.49
N PRO A 251 -0.74 -5.72 -3.40
CA PRO A 251 -1.59 -5.60 -4.59
C PRO A 251 -1.38 -4.42 -5.55
N ALA A 252 -1.09 -3.20 -5.06
CA ALA A 252 -0.78 -2.06 -5.95
C ALA A 252 0.51 -2.37 -6.72
N THR A 253 1.55 -2.91 -6.06
CA THR A 253 2.84 -3.13 -6.72
C THR A 253 2.67 -4.24 -7.79
N ALA A 254 1.89 -5.29 -7.48
CA ALA A 254 1.62 -6.38 -8.44
C ALA A 254 0.90 -5.86 -9.71
N LEU A 255 -0.23 -5.17 -9.55
CA LEU A 255 -0.92 -4.48 -10.68
C LEU A 255 0.05 -3.49 -11.37
N GLY A 256 0.86 -2.77 -10.61
CA GLY A 256 1.85 -1.78 -11.12
C GLY A 256 2.92 -2.37 -12.01
N LEU A 257 3.16 -3.68 -11.87
CA LEU A 257 4.15 -4.45 -12.70
C LEU A 257 3.44 -5.31 -13.76
N GLY A 258 2.14 -5.09 -13.93
CA GLY A 258 1.24 -5.63 -14.97
C GLY A 258 0.79 -7.04 -14.61
N MET A 259 0.68 -7.33 -13.31
CA MET A 259 0.21 -8.63 -12.75
C MET A 259 -1.12 -8.37 -12.02
N ASP A 260 -2.24 -8.47 -12.73
CA ASP A 260 -3.60 -8.34 -12.17
C ASP A 260 -4.14 -9.73 -11.75
N ALA A 261 -3.73 -10.20 -10.59
CA ALA A 261 -3.88 -11.64 -10.18
C ALA A 261 -5.31 -11.85 -9.71
N VAL A 262 -5.98 -10.78 -9.31
CA VAL A 262 -7.43 -10.81 -8.98
C VAL A 262 -8.20 -11.19 -10.22
N THR A 263 -7.89 -10.61 -11.39
CA THR A 263 -8.57 -10.97 -12.66
C THR A 263 -8.27 -12.44 -12.95
N TRP A 264 -7.00 -12.84 -12.86
CA TRP A 264 -6.53 -14.24 -13.13
C TRP A 264 -7.40 -15.18 -12.29
N ALA A 265 -7.59 -14.83 -11.01
CA ALA A 265 -8.23 -15.71 -10.00
C ALA A 265 -9.72 -15.84 -10.31
N ARG A 266 -10.41 -14.71 -10.50
CA ARG A 266 -11.88 -14.70 -10.73
C ARG A 266 -12.24 -15.36 -12.07
N ARG A 267 -11.38 -15.24 -13.08
CA ARG A 267 -11.61 -15.87 -14.40
C ARG A 267 -11.22 -17.36 -14.32
N GLY A 268 -10.79 -17.84 -13.14
CA GLY A 268 -10.36 -19.23 -12.87
C GLY A 268 -9.15 -19.63 -13.69
N LEU A 269 -8.20 -18.72 -13.91
CA LEU A 269 -6.99 -19.02 -14.74
C LEU A 269 -5.93 -19.66 -13.84
N VAL A 270 -5.72 -19.12 -12.64
CA VAL A 270 -4.77 -19.70 -11.64
C VAL A 270 -5.57 -20.28 -10.49
N ASP A 271 -4.92 -21.21 -9.75
CA ASP A 271 -5.53 -21.73 -8.51
C ASP A 271 -4.48 -21.70 -7.39
N MET A 272 -3.31 -21.14 -7.65
CA MET A 272 -2.32 -20.80 -6.59
C MET A 272 -1.61 -19.50 -6.93
N LEU A 273 -1.33 -18.71 -5.91
CA LEU A 273 -0.63 -17.42 -5.99
C LEU A 273 0.35 -17.35 -4.82
N VAL A 274 1.58 -16.93 -5.09
CA VAL A 274 2.70 -16.86 -4.09
C VAL A 274 3.13 -15.40 -4.01
N ILE A 275 2.73 -14.72 -2.94
CA ILE A 275 3.11 -13.28 -2.78
C ILE A 275 4.53 -13.35 -2.25
N THR A 276 5.41 -12.55 -2.78
CA THR A 276 6.83 -12.72 -2.41
C THR A 276 7.63 -11.47 -2.75
N PRO A 277 8.70 -11.25 -2.00
CA PRO A 277 9.76 -10.36 -2.45
C PRO A 277 10.55 -11.02 -3.60
N PHE A 278 11.47 -10.23 -4.13
CA PHE A 278 12.42 -10.64 -5.19
C PHE A 278 13.59 -11.45 -4.59
N TRP A 279 14.41 -10.82 -3.77
CA TRP A 279 15.67 -11.42 -3.26
C TRP A 279 16.26 -10.77 -2.01
N ALA A 280 16.27 -9.45 -1.95
CA ALA A 280 17.19 -8.63 -1.14
C ALA A 280 16.94 -8.93 0.35
N SER A 281 15.75 -9.41 0.72
CA SER A 281 15.34 -9.80 2.09
C SER A 281 14.00 -10.49 2.06
N ALA A 282 13.77 -11.52 2.89
CA ALA A 282 12.39 -11.97 3.23
C ALA A 282 11.63 -10.74 3.74
N GLU A 283 10.35 -10.70 3.43
CA GLU A 283 9.46 -9.69 4.05
C GLU A 283 8.71 -10.43 5.15
N THR A 284 8.82 -9.90 6.36
CA THR A 284 8.24 -10.47 7.61
C THR A 284 6.81 -9.95 7.71
N ASP A 285 6.56 -8.86 6.97
CA ASP A 285 5.27 -8.13 6.93
C ASP A 285 4.74 -8.04 5.48
N MET A 286 3.64 -8.74 5.21
CA MET A 286 2.97 -8.68 3.91
C MET A 286 1.47 -8.68 4.17
N PRO A 287 0.68 -7.90 3.42
CA PRO A 287 -0.74 -7.77 3.71
C PRO A 287 -1.52 -8.99 3.23
N VAL A 288 -1.23 -10.17 3.80
CA VAL A 288 -1.92 -11.46 3.50
C VAL A 288 -3.44 -11.25 3.60
N GLU A 289 -3.95 -10.62 4.67
CA GLU A 289 -5.40 -10.43 4.95
C GLU A 289 -6.11 -9.67 3.81
N ILE A 290 -5.42 -8.75 3.16
CA ILE A 290 -5.99 -7.95 2.06
C ILE A 290 -6.13 -8.84 0.82
N TRP A 291 -5.08 -9.63 0.48
CA TRP A 291 -5.08 -10.64 -0.60
C TRP A 291 -6.20 -11.66 -0.37
N ARG A 292 -6.45 -12.04 0.89
CA ARG A 292 -7.52 -13.01 1.24
C ARG A 292 -8.89 -12.41 0.87
N GLN A 293 -9.07 -11.10 1.09
CA GLN A 293 -10.37 -10.44 0.78
C GLN A 293 -10.45 -10.34 -0.74
N LEU A 294 -9.37 -9.85 -1.34
CA LEU A 294 -9.26 -9.72 -2.80
C LEU A 294 -9.53 -11.09 -3.47
N LEU A 295 -9.29 -12.22 -2.81
CA LEU A 295 -9.30 -13.55 -3.51
C LEU A 295 -10.53 -14.39 -3.09
N GLU A 296 -11.40 -13.79 -2.26
CA GLU A 296 -12.62 -14.41 -1.70
C GLU A 296 -13.45 -15.03 -2.82
N GLY A 297 -13.79 -16.33 -2.68
CA GLY A 297 -14.68 -17.08 -3.59
C GLY A 297 -14.01 -17.58 -4.87
N THR A 298 -12.74 -17.28 -5.13
CA THR A 298 -12.04 -17.61 -6.40
C THR A 298 -11.44 -19.04 -6.41
N GLY A 299 -11.29 -19.69 -5.25
CA GLY A 299 -10.76 -21.05 -5.04
C GLY A 299 -9.26 -21.16 -5.21
N VAL A 300 -8.55 -20.06 -4.98
CA VAL A 300 -7.09 -19.95 -5.18
C VAL A 300 -6.46 -20.18 -3.82
N THR A 301 -5.38 -20.96 -3.72
CA THR A 301 -4.52 -21.08 -2.51
C THR A 301 -3.53 -19.92 -2.49
N LEU A 302 -3.58 -19.12 -1.41
CA LEU A 302 -2.61 -18.01 -1.20
C LEU A 302 -1.42 -18.50 -0.34
N ALA A 303 -0.22 -18.39 -0.91
CA ALA A 303 1.05 -18.83 -0.32
C ALA A 303 1.83 -17.58 -0.04
N ALA A 304 2.40 -17.49 1.16
CA ALA A 304 3.27 -16.35 1.59
C ALA A 304 4.73 -16.78 1.38
N GLY A 305 5.43 -16.15 0.45
CA GLY A 305 6.80 -16.44 0.04
C GLY A 305 7.82 -15.78 0.94
N LEU A 306 8.76 -16.60 1.44
CA LEU A 306 9.97 -16.14 2.13
C LEU A 306 11.18 -16.25 1.16
N GLU A 307 12.17 -15.39 1.36
CA GLU A 307 13.52 -15.45 0.78
C GLU A 307 14.51 -15.68 1.93
N VAL A 308 15.70 -16.15 1.60
CA VAL A 308 16.64 -16.71 2.61
C VAL A 308 17.30 -15.53 3.33
N LEU A 309 17.56 -14.44 2.59
CA LEU A 309 18.15 -13.20 3.17
C LEU A 309 17.20 -12.59 4.20
N LEU A 310 17.81 -12.02 5.25
CA LEU A 310 17.09 -11.18 6.25
C LEU A 310 17.94 -9.94 6.49
N ARG A 311 17.49 -8.79 5.96
CA ARG A 311 18.29 -7.54 5.97
C ARG A 311 17.36 -6.39 6.37
N PRO A 312 17.84 -5.40 7.18
CA PRO A 312 16.95 -4.37 7.75
C PRO A 312 16.52 -3.28 6.75
N TYR A 313 17.37 -2.93 5.80
CA TYR A 313 17.09 -1.84 4.81
C TYR A 313 17.85 -2.10 3.50
N PRO A 314 17.36 -1.57 2.34
CA PRO A 314 17.91 -1.85 1.00
C PRO A 314 19.44 -1.69 0.89
N ASP A 315 19.99 -0.68 1.56
CA ASP A 315 21.42 -0.32 1.43
C ASP A 315 22.23 -0.94 2.55
N SER A 316 21.70 -1.83 3.37
CA SER A 316 22.54 -2.40 4.47
C SER A 316 23.69 -3.19 3.85
N PRO A 317 24.94 -3.11 4.38
CA PRO A 317 26.00 -4.03 3.95
C PRO A 317 25.91 -5.41 4.59
N LEU A 318 24.92 -5.72 5.45
CA LEU A 318 24.80 -7.09 6.01
C LEU A 318 24.21 -7.98 4.93
N PHE A 319 24.66 -9.21 4.80
CA PHE A 319 24.00 -10.23 3.91
C PHE A 319 23.90 -11.56 4.68
N GLN A 320 23.42 -11.53 5.92
CA GLN A 320 23.17 -12.80 6.67
C GLN A 320 21.76 -13.29 6.29
N THR A 321 21.51 -14.58 6.48
CA THR A 321 20.25 -15.27 6.18
C THR A 321 19.40 -15.50 7.41
N ASN A 322 18.15 -15.88 7.16
CA ASN A 322 17.18 -16.36 8.16
C ASN A 322 17.69 -17.59 8.92
N SER A 323 17.27 -17.69 10.16
CA SER A 323 17.60 -18.80 11.07
C SER A 323 16.31 -19.58 11.27
N LEU A 324 16.37 -20.73 11.94
CA LEU A 324 15.10 -21.40 12.34
C LEU A 324 14.21 -20.43 13.17
N GLU A 325 14.75 -19.66 14.13
CA GLU A 325 13.93 -18.79 15.02
C GLU A 325 13.20 -17.69 14.19
N THR A 326 13.91 -17.05 13.24
CA THR A 326 13.40 -15.92 12.45
C THR A 326 12.39 -16.45 11.41
N VAL A 327 12.54 -17.68 10.88
CA VAL A 327 11.57 -18.33 9.94
C VAL A 327 10.32 -18.73 10.72
N ARG A 328 10.46 -19.25 11.95
CA ARG A 328 9.30 -19.51 12.83
C ARG A 328 8.54 -18.16 13.04
N GLY A 329 9.29 -17.08 13.24
CA GLY A 329 8.77 -15.70 13.44
C GLY A 329 7.91 -15.26 12.26
N ALA A 330 8.48 -15.33 11.04
CA ALA A 330 7.84 -14.99 9.75
C ALA A 330 6.60 -15.85 9.52
N ALA A 331 6.74 -17.17 9.76
CA ALA A 331 5.76 -18.24 9.47
C ALA A 331 4.58 -18.14 10.41
N ALA A 332 4.85 -18.00 11.70
CA ALA A 332 3.79 -17.82 12.70
C ALA A 332 2.92 -16.65 12.24
N SER A 333 3.57 -15.58 11.78
CA SER A 333 2.93 -14.27 11.51
C SER A 333 1.99 -14.43 10.32
N LEU A 334 2.56 -14.95 9.21
CA LEU A 334 1.91 -15.00 7.87
C LEU A 334 0.77 -16.01 8.04
N LEU A 335 0.96 -17.09 8.80
CA LEU A 335 -0.10 -18.12 8.90
C LEU A 335 -1.27 -17.51 9.69
N ASP A 336 -0.94 -16.73 10.74
CA ASP A 336 -1.92 -16.03 11.60
C ASP A 336 -2.74 -15.10 10.69
N ARG A 337 -2.07 -14.48 9.71
CA ARG A 337 -2.70 -13.44 8.83
C ARG A 337 -3.57 -14.09 7.78
N GLY A 338 -3.42 -15.40 7.58
CA GLY A 338 -4.33 -16.18 6.72
C GLY A 338 -3.64 -16.90 5.57
N ALA A 339 -2.30 -16.98 5.54
CA ALA A 339 -1.54 -17.70 4.48
C ALA A 339 -2.00 -19.15 4.44
N GLN A 340 -2.34 -19.67 3.27
CA GLN A 340 -2.83 -21.07 3.12
C GLN A 340 -1.62 -21.95 2.81
N ARG A 341 -0.45 -21.35 2.64
CA ARG A 341 0.84 -22.06 2.47
C ARG A 341 2.00 -21.12 2.83
N ILE A 342 3.03 -21.61 3.52
CA ILE A 342 4.38 -20.97 3.55
C ILE A 342 5.22 -21.48 2.37
N TYR A 343 5.70 -20.57 1.52
CA TYR A 343 6.53 -20.95 0.36
C TYR A 343 7.98 -20.55 0.66
N LEU A 344 8.97 -21.46 0.54
CA LEU A 344 10.40 -21.13 0.72
C LEU A 344 11.07 -21.09 -0.64
N PHE A 345 11.81 -20.01 -0.91
CA PHE A 345 12.66 -19.76 -2.09
C PHE A 345 14.08 -19.53 -1.54
N ASN A 346 15.04 -20.28 -2.10
CA ASN A 346 16.47 -20.19 -1.70
C ASN A 346 16.72 -20.82 -0.33
N TYR A 347 15.81 -21.65 0.14
CA TYR A 347 16.08 -22.50 1.33
C TYR A 347 16.39 -23.92 0.86
N MET A 348 17.61 -24.13 0.37
CA MET A 348 17.99 -25.44 -0.20
C MET A 348 18.92 -26.19 0.78
N ASP A 349 19.33 -27.40 0.42
CA ASP A 349 20.00 -28.33 1.37
C ASP A 349 21.48 -27.97 1.57
N SER A 350 22.01 -26.91 0.94
CA SER A 350 23.44 -26.52 0.99
C SER A 350 23.64 -25.32 0.06
N GLN A 351 24.71 -24.54 0.36
CA GLN A 351 25.30 -23.39 -0.38
C GLN A 351 24.39 -22.15 -0.30
N THR A 352 23.21 -22.17 -0.92
CA THR A 352 22.10 -21.19 -0.77
C THR A 352 21.09 -21.74 0.24
N ALA A 353 21.19 -21.38 1.52
CA ALA A 353 20.36 -21.97 2.58
C ALA A 353 20.39 -21.14 3.87
N MET A 354 19.61 -21.57 4.88
CA MET A 354 19.58 -20.97 6.24
C MET A 354 20.99 -21.00 6.83
N GLU A 355 21.28 -20.09 7.76
CA GLU A 355 22.62 -19.96 8.42
C GLU A 355 22.82 -21.23 9.28
N ASP A 356 21.77 -21.71 9.95
CA ASP A 356 21.82 -22.91 10.86
C ASP A 356 21.29 -24.15 10.13
N LEU A 357 22.04 -24.66 9.15
CA LEU A 357 21.62 -25.77 8.27
C LEU A 357 21.24 -26.99 9.11
N GLU A 358 21.95 -27.25 10.22
CA GLU A 358 21.61 -28.41 11.10
C GLU A 358 20.12 -28.37 11.48
N ASN A 359 19.45 -27.22 11.40
CA ASN A 359 18.05 -27.07 11.89
C ASN A 359 17.04 -27.23 10.74
N TYR A 360 17.50 -27.67 9.56
CA TYR A 360 16.68 -27.73 8.33
C TYR A 360 15.62 -28.80 8.47
N PRO A 361 15.94 -30.03 8.97
CA PRO A 361 14.89 -31.03 9.15
C PRO A 361 13.81 -30.54 10.14
N THR A 362 14.20 -29.85 11.22
CA THR A 362 13.30 -29.26 12.23
C THR A 362 12.40 -28.27 11.51
N LEU A 363 12.99 -27.37 10.70
CA LEU A 363 12.25 -26.27 10.04
C LEU A 363 11.15 -26.86 9.17
N LEU A 364 11.43 -28.00 8.51
CA LEU A 364 10.55 -28.57 7.46
C LEU A 364 9.39 -29.35 8.10
N ARG A 365 9.46 -29.60 9.41
CA ARG A 365 8.33 -30.25 10.14
C ARG A 365 7.66 -29.27 11.10
N GLU A 366 7.98 -27.96 11.08
CA GLU A 366 7.44 -27.00 12.10
C GLU A 366 6.64 -25.84 11.47
N ILE A 367 7.25 -25.13 10.53
CA ILE A 367 6.82 -23.80 10.03
C ILE A 367 5.56 -23.90 9.16
N GLY A 368 5.06 -25.12 8.88
CA GLY A 368 3.81 -25.36 8.11
C GLY A 368 2.51 -25.25 8.93
N SER A 369 2.56 -25.01 10.24
CA SER A 369 1.36 -25.01 11.13
C SER A 369 1.60 -24.15 12.35
N LEU A 370 0.57 -23.47 12.83
CA LEU A 370 0.69 -22.73 14.12
C LEU A 370 0.87 -23.74 15.27
N GLU A 371 0.30 -24.94 15.12
CA GLU A 371 0.36 -26.01 16.18
C GLU A 371 1.81 -26.39 16.50
N THR A 372 2.58 -26.64 15.46
CA THR A 372 3.98 -27.15 15.54
C THR A 372 4.92 -25.99 15.89
N LEU A 373 4.49 -24.72 15.72
CA LEU A 373 5.27 -23.50 16.06
C LEU A 373 5.00 -23.08 17.52
N ALA A 374 3.77 -23.32 17.99
CA ALA A 374 3.25 -22.98 19.34
C ALA A 374 4.25 -23.45 20.42
N GLY A 375 4.68 -22.55 21.31
CA GLY A 375 5.52 -22.90 22.48
C GLY A 375 7.00 -22.98 22.15
N LYS A 376 7.43 -22.46 21.01
CA LYS A 376 8.85 -22.52 20.56
C LYS A 376 9.39 -21.12 20.35
N PRO A 377 10.67 -20.89 20.69
CA PRO A 377 11.29 -19.58 20.52
C PRO A 377 11.13 -19.06 19.08
N ARG A 378 10.84 -17.75 18.97
CA ARG A 378 10.65 -17.07 17.66
C ARG A 378 11.03 -15.60 17.73
N ARG A 379 11.47 -15.09 16.56
CA ARG A 379 12.03 -13.74 16.39
C ARG A 379 11.34 -13.09 15.19
N HIS A 380 10.75 -11.92 15.43
CA HIS A 380 9.99 -11.15 14.42
C HIS A 380 10.84 -9.92 14.13
N VAL A 381 11.58 -9.94 13.01
CA VAL A 381 12.53 -8.85 12.62
C VAL A 381 11.86 -7.89 11.60
N LEU A 382 11.97 -6.58 11.88
CA LEU A 382 11.63 -5.47 10.97
C LEU A 382 12.50 -5.50 9.70
N THR A 383 11.89 -5.74 8.52
CA THR A 383 12.55 -5.58 7.20
C THR A 383 11.77 -4.58 6.33
N PHE A 384 11.49 -4.95 5.08
CA PHE A 384 11.31 -4.02 3.97
C PHE A 384 10.93 -4.79 2.68
N ALA A 385 10.05 -4.17 1.91
CA ALA A 385 9.68 -4.61 0.55
C ALA A 385 10.79 -4.17 -0.41
N ASP A 386 11.41 -5.17 -1.09
CA ASP A 386 12.50 -4.88 -2.07
C ASP A 386 11.93 -4.38 -3.42
N THR A 387 10.65 -4.64 -3.74
CA THR A 387 10.13 -4.52 -5.14
C THR A 387 8.93 -3.57 -5.19
N TRP A 388 9.09 -2.50 -5.98
CA TRP A 388 8.10 -1.40 -6.21
C TRP A 388 7.93 -1.18 -7.72
N ALA A 389 6.71 -0.89 -8.18
CA ALA A 389 6.41 -0.61 -9.60
C ALA A 389 7.23 0.62 -10.00
N PRO A 390 7.62 0.75 -11.28
CA PRO A 390 8.44 1.90 -11.70
C PRO A 390 7.72 3.23 -11.31
N GLY A 391 8.43 4.11 -10.57
CA GLY A 391 8.02 5.44 -10.06
C GLY A 391 6.99 5.38 -8.94
N GLU A 392 6.67 4.19 -8.47
CA GLU A 392 5.80 3.98 -7.27
C GLU A 392 6.59 4.46 -6.05
N PRO A 393 5.99 5.35 -5.23
CA PRO A 393 6.54 5.71 -3.93
C PRO A 393 6.81 4.49 -3.06
N ARG A 394 7.99 4.41 -2.47
CA ARG A 394 8.51 3.30 -1.62
C ARG A 394 8.33 3.60 -0.13
N ALA A 395 7.78 2.66 0.63
CA ALA A 395 7.62 2.74 2.09
C ALA A 395 8.68 1.82 2.74
N ILE A 396 9.80 2.38 3.24
CA ILE A 396 10.90 1.66 3.93
C ILE A 396 11.04 2.04 5.40
N PRO A 397 10.67 1.21 6.41
CA PRO A 397 10.78 1.60 7.82
C PRO A 397 12.20 2.01 8.33
N LEU A 398 13.26 1.28 7.94
CA LEU A 398 14.63 1.49 8.48
C LEU A 398 15.59 2.00 7.41
N PRO A 399 16.65 2.75 7.76
CA PRO A 399 16.87 3.23 9.12
C PRO A 399 15.97 4.43 9.49
N ALA A 400 15.71 4.57 10.79
CA ALA A 400 14.91 5.65 11.43
C ALA A 400 15.76 6.49 12.40
N THR A 401 15.86 7.79 12.13
CA THR A 401 16.42 8.80 13.06
C THR A 401 15.32 9.28 14.04
N CYS A 402 15.61 9.37 15.35
CA CYS A 402 14.72 10.03 16.37
C CYS A 402 15.50 11.21 16.96
N ARG A 403 14.97 12.43 16.87
CA ARG A 403 15.60 13.67 17.40
C ARG A 403 15.26 13.74 18.89
N PRO A 404 16.01 14.50 19.71
CA PRO A 404 15.71 14.54 21.14
C PRO A 404 14.26 15.00 21.36
N GLY A 405 13.49 14.26 22.17
CA GLY A 405 12.11 14.64 22.49
C GLY A 405 11.09 14.31 21.40
N GLU A 406 11.49 13.67 20.28
CA GLU A 406 10.62 13.20 19.15
C GLU A 406 10.17 11.75 19.44
N TRP A 407 9.04 11.32 18.87
CA TRP A 407 8.52 9.92 18.95
C TRP A 407 8.69 9.21 17.60
N ARG A 408 9.15 7.96 17.62
CA ARG A 408 9.23 7.07 16.44
C ARG A 408 8.47 5.79 16.76
N ALA A 409 7.59 5.34 15.88
CA ALA A 409 6.86 4.07 16.08
C ALA A 409 7.30 3.04 15.02
N PHE A 410 7.32 1.74 15.40
CA PHE A 410 7.52 0.59 14.49
C PHE A 410 6.47 -0.48 14.78
N ARG A 411 5.63 -0.78 13.80
CA ARG A 411 4.65 -1.88 13.98
C ARG A 411 5.32 -3.12 13.41
N LEU A 412 5.29 -4.19 14.17
CA LEU A 412 5.90 -5.45 13.75
C LEU A 412 4.77 -6.46 13.90
N HIS A 413 4.65 -7.36 12.95
CA HIS A 413 3.64 -8.42 13.02
C HIS A 413 4.27 -9.61 13.74
N THR A 414 3.68 -10.01 14.86
CA THR A 414 4.18 -11.11 15.71
C THR A 414 3.15 -12.23 15.74
N GLY A 415 2.11 -12.14 14.91
CA GLY A 415 1.08 -13.20 14.73
C GLY A 415 0.38 -13.63 16.05
N PRO A 416 0.34 -14.94 16.38
CA PRO A 416 -0.39 -15.40 17.56
C PRO A 416 0.15 -14.76 18.85
N LYS A 417 -0.78 -14.39 19.73
CA LYS A 417 -0.50 -13.89 21.09
C LYS A 417 0.56 -14.80 21.73
N PRO A 418 1.62 -14.27 22.38
CA PRO A 418 2.64 -15.11 22.94
C PRO A 418 2.06 -16.04 24.01
N GLU A 419 2.57 -17.26 24.10
CA GLU A 419 2.27 -18.17 25.24
C GLU A 419 2.99 -17.61 26.46
N PRO A 420 2.71 -18.13 27.68
CA PRO A 420 3.42 -17.67 28.88
C PRO A 420 4.94 -17.80 28.71
N GLY A 421 5.67 -16.71 29.00
CA GLY A 421 7.14 -16.66 28.94
C GLY A 421 7.63 -15.24 28.74
N GLU A 422 8.77 -15.08 28.07
CA GLU A 422 9.51 -13.80 27.99
C GLU A 422 9.28 -13.15 26.62
N VAL A 423 9.10 -11.83 26.58
CA VAL A 423 9.04 -11.05 25.30
C VAL A 423 10.04 -9.93 25.41
N ILE A 424 10.99 -9.83 24.47
CA ILE A 424 11.96 -8.70 24.40
C ILE A 424 11.70 -7.85 23.14
N ALA A 425 11.54 -6.53 23.30
CA ALA A 425 11.60 -5.56 22.18
C ALA A 425 13.08 -5.20 22.04
N ALA A 426 13.76 -5.51 20.93
CA ALA A 426 15.21 -5.28 20.78
C ALA A 426 15.45 -4.21 19.73
N LEU A 427 16.26 -3.17 19.99
CA LEU A 427 16.44 -2.00 19.08
C LEU A 427 17.92 -1.73 18.86
N GLY A 428 18.36 -1.80 17.63
CA GLY A 428 19.78 -1.63 17.28
C GLY A 428 20.03 -0.22 16.80
N ILE A 429 21.12 0.39 17.28
CA ILE A 429 21.46 1.82 17.14
C ILE A 429 22.75 1.96 16.32
N GLU A 430 22.67 2.58 15.15
CA GLU A 430 23.86 2.71 14.25
C GLU A 430 24.61 4.01 14.56
N GLY A 431 25.93 4.02 14.28
CA GLY A 431 26.76 5.21 14.50
C GLY A 431 27.26 5.35 15.93
N GLY A 432 28.56 5.58 16.06
CA GLY A 432 29.31 5.82 17.31
C GLY A 432 28.66 5.28 18.57
N ALA A 434 26.39 5.56 22.13
CA ALA A 434 26.77 5.75 23.55
C ALA A 434 25.48 6.09 24.29
N ILE A 435 24.60 5.12 24.44
CA ILE A 435 23.33 5.41 25.15
C ILE A 435 23.36 4.85 26.57
N GLY A 436 22.63 5.50 27.46
CA GLY A 436 22.35 5.05 28.83
C GLY A 436 21.01 4.35 28.90
N PRO A 437 20.68 3.77 30.08
CA PRO A 437 19.40 3.09 30.26
C PRO A 437 18.18 4.02 30.24
N GLU A 438 18.35 5.35 30.36
CA GLU A 438 17.21 6.26 30.17
C GLU A 438 17.26 7.07 28.86
N THR A 439 18.32 6.96 28.06
CA THR A 439 18.36 7.67 26.75
C THR A 439 17.10 7.32 25.96
N LEU A 440 16.61 6.09 26.05
CA LEU A 440 15.41 5.66 25.30
C LEU A 440 14.24 5.45 26.26
N GLU A 441 13.07 5.88 25.87
CA GLU A 441 11.83 5.47 26.57
C GLU A 441 11.13 4.56 25.59
N VAL A 442 10.84 3.35 26.01
CA VAL A 442 10.31 2.34 25.08
C VAL A 442 8.97 1.89 25.60
N ARG A 443 7.97 2.00 24.74
CA ARG A 443 6.62 1.50 25.08
C ARG A 443 6.25 0.44 24.04
N VAL A 444 5.52 -0.58 24.49
CA VAL A 444 4.82 -1.52 23.57
C VAL A 444 3.32 -1.51 23.85
N ASN A 445 2.54 -1.16 22.82
CA ASN A 445 1.05 -0.98 22.86
C ASN A 445 0.73 -0.03 24.02
N GLY A 446 1.59 0.97 24.21
CA GLY A 446 1.42 2.01 25.23
C GLY A 446 2.04 1.64 26.58
N GLU A 447 2.48 0.39 26.78
CA GLU A 447 3.00 -0.04 28.11
C GLU A 447 4.52 0.21 28.18
N LEU A 448 5.01 0.76 29.29
CA LEU A 448 6.44 0.97 29.57
C LEU A 448 7.16 -0.37 29.65
N CYS A 449 8.29 -0.48 28.95
CA CYS A 449 9.18 -1.67 28.88
C CYS A 449 10.42 -1.35 29.71
N ALA A 450 10.91 -2.27 30.49
CA ALA A 450 12.11 -2.06 31.34
C ALA A 450 13.36 -2.25 30.47
N PHE A 451 14.38 -1.40 30.67
CA PHE A 451 15.74 -1.60 30.14
C PHE A 451 16.32 -2.94 30.66
N LEU A 452 16.95 -3.69 29.74
CA LEU A 452 17.59 -5.01 30.01
C LEU A 452 19.10 -4.94 29.83
N GLY A 453 19.52 -4.16 28.83
CA GLY A 453 20.91 -3.95 28.41
C GLY A 453 21.20 -4.53 27.03
N LEU A 454 22.46 -4.50 26.64
CA LEU A 454 22.98 -5.11 25.37
C LEU A 454 22.47 -6.56 25.26
N VAL A 455 21.79 -6.88 24.17
CA VAL A 455 21.32 -8.27 23.91
C VAL A 455 22.31 -8.94 22.94
N ASP A 456 23.00 -10.01 23.33
CA ASP A 456 23.86 -10.77 22.38
C ASP A 456 22.97 -11.66 21.47
N LEU A 457 22.64 -11.19 20.25
CA LEU A 457 21.74 -11.91 19.30
C LEU A 457 22.44 -13.12 18.62
N SER A 458 21.68 -14.18 18.31
CA SER A 458 22.14 -15.22 17.35
C SER A 458 22.00 -14.63 15.94
N LYS A 459 22.80 -15.10 14.99
CA LYS A 459 22.68 -14.74 13.55
C LYS A 459 21.29 -15.14 13.10
N PRO A 460 20.60 -14.38 12.21
CA PRO A 460 21.07 -13.06 11.71
C PRO A 460 21.02 -11.90 12.73
N ARG A 461 22.01 -11.01 12.68
CA ARG A 461 22.20 -9.92 13.66
C ARG A 461 22.96 -8.76 13.02
N PRO A 462 22.69 -7.53 13.44
CA PRO A 462 23.38 -6.38 12.86
C PRO A 462 24.84 -6.36 13.36
N ASP A 463 25.70 -5.50 12.83
CA ASP A 463 27.08 -5.29 13.35
C ASP A 463 27.15 -3.94 14.08
N PHE A 464 26.16 -3.62 14.90
CA PHE A 464 26.08 -2.44 15.78
C PHE A 464 25.34 -2.89 17.03
N PRO A 465 25.47 -2.16 18.17
CA PRO A 465 24.81 -2.53 19.43
C PRO A 465 23.29 -2.68 19.36
N VAL A 466 22.82 -3.77 19.96
CA VAL A 466 21.40 -4.14 20.11
C VAL A 466 21.04 -4.07 21.60
N TYR A 467 20.11 -3.18 21.96
CA TYR A 467 19.64 -2.89 23.33
C TYR A 467 18.28 -3.56 23.51
N GLY A 468 18.09 -4.33 24.61
CA GLY A 468 16.84 -5.07 24.82
C GLY A 468 15.99 -4.41 25.86
N PHE A 469 14.67 -4.41 25.63
CA PHE A 469 13.66 -3.81 26.52
C PHE A 469 12.67 -4.93 26.86
N SER A 470 12.38 -5.14 28.15
CA SER A 470 11.49 -6.24 28.61
C SER A 470 10.04 -5.75 28.45
N VAL A 471 9.21 -6.52 27.75
CA VAL A 471 7.81 -6.13 27.39
C VAL A 471 6.86 -6.81 28.36
N PRO A 472 5.96 -6.10 29.08
CA PRO A 472 4.99 -6.80 29.93
C PRO A 472 4.24 -7.78 29.02
N LEU A 473 4.25 -9.05 29.40
CA LEU A 473 3.69 -10.16 28.61
C LEU A 473 2.31 -9.73 28.11
N ALA A 474 1.50 -9.19 29.03
CA ALA A 474 0.06 -9.01 28.83
C ALA A 474 -0.19 -7.90 27.80
N ALA A 475 0.83 -7.09 27.48
CA ALA A 475 0.72 -5.94 26.54
C ALA A 475 0.63 -6.45 25.11
N MET A 476 1.24 -7.61 24.83
CA MET A 476 1.33 -8.18 23.46
C MET A 476 -0.07 -8.57 22.98
N ARG A 477 -0.42 -8.21 21.74
CA ARG A 477 -1.71 -8.62 21.13
C ARG A 477 -1.48 -9.58 19.96
N ARG A 478 -2.54 -10.23 19.52
CA ARG A 478 -2.58 -10.96 18.23
C ARG A 478 -2.36 -9.97 17.09
N GLY A 479 -1.52 -10.34 16.11
CA GLY A 479 -1.28 -9.50 14.92
C GLY A 479 -0.16 -8.50 15.15
N TYR A 480 -0.32 -7.26 14.70
CA TYR A 480 0.74 -6.25 14.88
C TYR A 480 0.85 -5.90 16.36
N ASN A 481 2.07 -5.52 16.74
CA ASN A 481 2.40 -4.96 18.04
C ASN A 481 3.24 -3.74 17.76
N LEU A 482 2.99 -2.63 18.46
CA LEU A 482 3.57 -1.31 18.18
C LEU A 482 4.66 -0.97 19.21
N ILE A 483 5.89 -0.75 18.73
CA ILE A 483 7.04 -0.20 19.51
C ILE A 483 6.99 1.31 19.34
N GLU A 484 6.82 2.06 20.43
CA GLU A 484 6.97 3.54 20.41
C GLU A 484 8.23 3.82 21.18
N VAL A 485 9.04 4.76 20.73
CA VAL A 485 10.30 5.12 21.40
C VAL A 485 10.50 6.65 21.29
N THR A 486 10.90 7.32 22.38
CA THR A 486 11.38 8.72 22.35
C THR A 486 12.82 8.69 22.87
N ALA A 487 13.74 9.47 22.33
CA ALA A 487 15.16 9.51 22.74
C ALA A 487 15.48 10.86 23.38
N ARG A 488 16.37 10.93 24.38
CA ARG A 488 16.86 12.22 24.93
CA ARG A 488 16.88 12.21 24.94
C ARG A 488 18.08 12.69 24.12
N GLN A 489 18.62 11.85 23.24
CA GLN A 489 19.71 12.22 22.31
C GLN A 489 19.35 11.74 20.91
N GLU A 490 19.91 12.40 19.91
CA GLU A 490 19.63 12.04 18.51
C GLU A 490 20.29 10.71 18.25
N LEU A 491 19.56 9.83 17.60
CA LEU A 491 19.86 8.38 17.49
C LEU A 491 19.38 7.91 16.13
N ARG A 492 20.09 6.99 15.50
CA ARG A 492 19.53 6.37 14.28
C ARG A 492 19.36 4.88 14.55
N PHE A 493 18.14 4.37 14.43
CA PHE A 493 17.85 2.92 14.55
C PHE A 493 18.09 2.24 13.19
N GLY A 494 18.77 1.07 13.24
CA GLY A 494 19.13 0.26 12.08
C GLY A 494 18.56 -1.13 12.13
N TRP A 495 17.79 -1.45 13.17
CA TRP A 495 17.33 -2.81 13.54
C TRP A 495 16.26 -2.75 14.64
N ALA A 496 15.27 -3.61 14.54
CA ALA A 496 14.11 -3.70 15.47
C ALA A 496 13.60 -5.12 15.38
N GLU A 497 13.39 -5.77 16.54
CA GLU A 497 12.66 -7.07 16.58
C GLU A 497 11.96 -7.27 17.92
N PHE A 498 10.97 -8.15 17.91
CA PHE A 498 10.43 -8.87 19.10
C PHE A 498 11.09 -10.27 19.14
N LEU A 499 11.71 -10.67 20.26
CA LEU A 499 12.05 -12.08 20.58
C LEU A 499 11.02 -12.62 21.59
N ILE A 500 10.26 -13.65 21.22
CA ILE A 500 9.29 -14.34 22.13
C ILE A 500 9.93 -15.67 22.56
N ARG A 501 10.17 -15.84 23.86
CA ARG A 501 10.71 -17.10 24.48
C ARG A 501 9.70 -17.69 25.48
N PRO A 502 8.85 -18.64 25.02
CA PRO A 502 7.86 -19.32 25.84
C PRO A 502 8.35 -20.04 27.12
N ILE B 6 -22.40 11.46 -15.02
CA ILE B 6 -23.41 10.63 -14.33
C ILE B 6 -22.81 10.01 -13.04
N PRO B 7 -21.47 9.81 -12.86
CA PRO B 7 -20.97 9.61 -11.50
C PRO B 7 -21.52 10.71 -10.56
N GLY B 8 -21.21 12.00 -10.82
CA GLY B 8 -21.69 13.17 -10.05
C GLY B 8 -20.86 13.51 -8.80
N ILE B 9 -21.32 14.49 -8.02
CA ILE B 9 -20.53 15.10 -6.92
C ILE B 9 -21.28 14.92 -5.61
N SER B 10 -20.54 14.63 -4.56
CA SER B 10 -21.01 14.69 -3.15
C SER B 10 -20.21 15.84 -2.55
N LEU B 11 -20.88 16.80 -1.91
CA LEU B 11 -20.22 18.03 -1.44
C LEU B 11 -20.52 18.18 0.04
N ASN B 12 -19.46 18.23 0.84
CA ASN B 12 -19.45 18.37 2.32
C ASN B 12 -19.46 19.86 2.72
N GLU B 13 -20.45 20.22 3.51
CA GLU B 13 -20.50 21.54 4.17
C GLU B 13 -20.10 21.25 5.63
N ASP B 14 -18.98 21.82 6.09
CA ASP B 14 -18.49 21.63 7.48
C ASP B 14 -19.44 22.30 8.51
N ASN B 15 -19.15 22.00 9.77
CA ASN B 15 -20.02 22.31 10.94
C ASN B 15 -19.91 23.78 11.35
N SER B 16 -18.89 24.49 10.88
CA SER B 16 -18.59 25.88 11.35
C SER B 16 -18.86 26.91 10.25
N HIS B 17 -18.68 26.54 8.96
CA HIS B 17 -18.38 27.47 7.82
C HIS B 17 -19.45 28.53 7.61
N TYR B 18 -20.68 28.06 7.47
CA TYR B 18 -21.87 28.93 7.25
C TYR B 18 -21.99 29.98 8.36
N PHE B 19 -21.74 29.54 9.62
CA PHE B 19 -21.98 30.36 10.84
C PHE B 19 -20.87 31.43 10.94
N TYR B 20 -19.59 31.09 10.73
CA TYR B 20 -18.47 32.05 10.50
C TYR B 20 -18.81 33.12 9.43
N THR B 21 -19.13 32.71 8.20
CA THR B 21 -19.12 33.59 7.00
C THR B 21 -20.32 34.55 7.02
N ARG B 22 -21.47 34.12 7.55
CA ARG B 22 -22.73 34.88 7.60
C ARG B 22 -22.87 35.63 8.94
N ALA B 23 -21.85 35.61 9.81
CA ALA B 23 -21.91 36.26 11.14
C ALA B 23 -22.20 37.75 10.96
N GLY B 24 -23.09 38.28 11.81
CA GLY B 24 -23.41 39.72 11.93
C GLY B 24 -24.67 40.06 11.16
N ARG B 25 -25.20 39.10 10.42
CA ARG B 25 -26.50 39.22 9.73
C ARG B 25 -27.52 38.48 10.59
N ARG B 26 -28.68 39.09 10.80
CA ARG B 26 -29.86 38.40 11.33
C ARG B 26 -30.45 37.59 10.17
N LEU B 27 -30.30 36.28 10.14
CA LEU B 27 -30.64 35.49 8.93
C LEU B 27 -32.12 35.13 8.96
N SER B 28 -32.80 35.34 7.84
CA SER B 28 -34.17 34.85 7.60
C SER B 28 -34.13 33.38 7.16
N ALA B 29 -35.28 32.71 7.32
CA ALA B 29 -35.52 31.34 6.80
C ALA B 29 -35.31 31.33 5.29
N GLU B 30 -35.61 32.45 4.62
CA GLU B 30 -35.44 32.56 3.14
CA GLU B 30 -35.46 32.52 3.14
C GLU B 30 -33.96 32.50 2.81
N GLU B 31 -33.15 33.25 3.58
CA GLU B 31 -31.69 33.31 3.33
C GLU B 31 -31.07 31.92 3.60
N VAL B 32 -31.40 31.33 4.73
CA VAL B 32 -30.94 29.97 5.10
C VAL B 32 -31.25 29.02 3.94
N ASP B 33 -32.49 28.99 3.46
CA ASP B 33 -32.87 28.19 2.26
C ASP B 33 -31.96 28.54 1.08
N SER B 34 -31.64 29.82 0.88
CA SER B 34 -30.95 30.24 -0.37
C SER B 34 -29.55 29.58 -0.50
N TRP B 35 -28.91 29.19 0.61
CA TRP B 35 -27.56 28.59 0.59
C TRP B 35 -27.57 27.30 -0.28
N VAL B 36 -28.63 26.49 -0.19
CA VAL B 36 -28.82 25.23 -0.96
C VAL B 36 -28.84 25.57 -2.46
N ASP B 37 -29.52 26.67 -2.83
CA ASP B 37 -29.86 26.97 -4.25
C ASP B 37 -28.62 26.98 -5.16
N GLN B 38 -27.47 27.49 -4.71
CA GLN B 38 -26.27 27.71 -5.54
C GLN B 38 -25.79 26.36 -6.11
N TYR B 39 -26.12 25.29 -5.39
CA TYR B 39 -25.83 23.88 -5.73
C TYR B 39 -26.83 23.32 -6.72
N ALA B 40 -28.04 23.87 -6.83
CA ALA B 40 -29.11 23.40 -7.74
C ALA B 40 -28.63 23.51 -9.19
N GLY B 41 -29.05 22.57 -10.02
CA GLY B 41 -28.70 22.53 -11.45
C GLY B 41 -27.21 22.23 -11.69
N THR B 42 -26.47 21.74 -10.68
CA THR B 42 -25.04 21.36 -10.87
C THR B 42 -24.94 19.84 -10.97
N GLN B 43 -23.73 19.29 -10.96
CA GLN B 43 -23.51 17.82 -10.96
C GLN B 43 -23.58 17.31 -9.52
N VAL B 44 -23.72 18.22 -8.54
CA VAL B 44 -23.94 17.85 -7.10
C VAL B 44 -25.21 16.98 -7.02
N LYS B 45 -25.08 15.74 -6.55
CA LYS B 45 -26.18 14.81 -6.27
C LYS B 45 -26.46 14.69 -4.76
N GLU B 46 -25.47 14.92 -3.87
CA GLU B 46 -25.71 14.89 -2.39
C GLU B 46 -25.05 16.07 -1.66
N LEU B 47 -25.76 16.65 -0.72
CA LEU B 47 -25.09 17.61 0.17
C LEU B 47 -24.84 16.86 1.47
N MET B 48 -23.58 16.76 1.89
CA MET B 48 -23.19 16.18 3.20
C MET B 48 -23.11 17.38 4.16
N LEU B 49 -24.22 17.58 4.87
CA LEU B 49 -24.38 18.60 5.93
C LEU B 49 -23.78 18.10 7.25
N CYS B 50 -22.75 18.77 7.73
CA CYS B 50 -22.07 18.42 9.00
C CYS B 50 -22.60 19.31 10.13
N PRO B 51 -23.21 18.72 11.19
CA PRO B 51 -23.71 19.49 12.34
C PRO B 51 -22.88 19.52 13.65
N ASN B 52 -21.72 18.92 13.61
CA ASN B 52 -21.01 18.83 14.90
C ASN B 52 -19.52 18.68 14.77
N CYS B 53 -18.87 19.16 15.81
CA CYS B 53 -17.47 18.81 16.14
C CYS B 53 -17.66 18.15 17.54
N MET B 54 -16.91 18.51 18.58
CA MET B 54 -17.23 17.94 19.92
C MET B 54 -18.58 18.52 20.36
N ARG B 55 -18.94 19.68 19.82
CA ARG B 55 -20.22 20.38 20.16
C ARG B 55 -21.09 20.53 18.89
N THR B 56 -22.42 20.65 19.05
CA THR B 56 -23.34 20.69 17.89
C THR B 56 -23.49 22.16 17.49
N SER B 57 -23.79 22.45 16.22
CA SER B 57 -24.09 23.82 15.74
C SER B 57 -25.61 24.05 15.84
N TYR B 58 -26.39 22.98 16.07
CA TYR B 58 -27.84 23.03 16.29
C TYR B 58 -28.10 22.82 17.78
N ALA B 59 -29.34 23.02 18.18
CA ALA B 59 -29.73 23.08 19.61
C ALA B 59 -29.97 21.64 20.09
N SER B 60 -28.91 20.86 20.29
CA SER B 60 -28.96 19.44 20.78
C SER B 60 -29.48 19.38 22.22
N GLN B 61 -30.22 18.31 22.56
CA GLN B 61 -30.74 17.89 23.89
C GLN B 61 -29.73 17.00 24.64
N VAL B 62 -28.92 16.23 23.90
CA VAL B 62 -28.04 15.14 24.43
C VAL B 62 -26.55 15.56 24.37
N TRP B 63 -26.17 16.52 23.52
CA TRP B 63 -24.79 17.08 23.45
C TRP B 63 -24.78 18.58 23.75
N ASP B 64 -23.61 19.15 24.01
CA ASP B 64 -23.43 20.61 24.14
C ASP B 64 -23.56 21.24 22.76
N PRO B 65 -24.48 22.24 22.59
CA PRO B 65 -24.41 23.16 21.46
C PRO B 65 -23.17 24.04 21.65
N ILE B 66 -22.72 24.60 20.55
CA ILE B 66 -21.46 25.36 20.43
C ILE B 66 -21.56 26.54 21.40
N TRP B 67 -22.80 26.93 21.70
CA TRP B 67 -23.13 28.13 22.50
C TRP B 67 -23.39 27.77 23.97
N ARG B 68 -23.06 26.57 24.42
CA ARG B 68 -23.15 26.29 25.89
C ARG B 68 -22.12 27.18 26.61
N GLY B 69 -22.51 27.88 27.68
CA GLY B 69 -21.61 28.79 28.43
C GLY B 69 -21.60 30.22 27.84
N TYR B 70 -22.40 30.48 26.81
CA TYR B 70 -22.29 31.75 26.04
C TYR B 70 -23.14 32.85 26.71
N ASP B 71 -22.59 34.07 26.84
CA ASP B 71 -23.36 35.27 27.29
C ASP B 71 -23.64 36.16 26.07
N PRO B 72 -24.84 36.06 25.41
CA PRO B 72 -25.10 36.71 24.10
C PRO B 72 -24.86 38.22 24.13
N ALA B 73 -25.17 38.84 25.27
CA ALA B 73 -25.07 40.31 25.52
C ALA B 73 -23.70 40.67 26.08
N GLY B 74 -22.88 39.66 26.33
CA GLY B 74 -21.58 39.84 27.03
C GLY B 74 -20.52 40.45 26.13
N PRO B 75 -19.38 40.83 26.73
CA PRO B 75 -18.17 41.21 25.98
C PRO B 75 -17.44 39.99 25.38
N ASP B 76 -16.62 40.21 24.34
CA ASP B 76 -15.83 39.12 23.71
C ASP B 76 -15.01 38.39 24.79
N ASP B 77 -14.44 39.17 25.72
CA ASP B 77 -13.64 38.67 26.86
C ASP B 77 -14.62 38.18 27.95
N GLN B 78 -15.21 37.02 27.74
CA GLN B 78 -16.10 36.33 28.71
C GLN B 78 -15.56 34.90 28.87
N PRO B 79 -15.95 34.19 29.96
CA PRO B 79 -15.40 32.85 30.24
C PRO B 79 -15.28 31.92 29.00
N LEU B 80 -16.36 31.70 28.24
CA LEU B 80 -16.37 30.76 27.07
C LEU B 80 -15.25 31.07 26.06
N LEU B 81 -14.87 32.35 25.88
CA LEU B 81 -13.85 32.82 24.89
C LEU B 81 -12.56 33.31 25.54
N ALA B 82 -12.48 33.45 26.87
CA ALA B 82 -11.29 33.98 27.58
C ALA B 82 -10.01 33.28 27.06
N SER B 83 -10.06 31.96 26.85
CA SER B 83 -8.85 31.17 26.53
C SER B 83 -8.26 31.55 25.16
N LEU B 84 -8.94 32.30 24.28
CA LEU B 84 -8.42 32.68 22.94
C LEU B 84 -7.73 34.04 22.95
N PRO B 85 -6.74 34.28 22.06
CA PRO B 85 -6.25 35.64 21.80
C PRO B 85 -7.42 36.52 21.37
N PRO B 86 -7.39 37.86 21.60
CA PRO B 86 -8.54 38.72 21.32
C PRO B 86 -9.13 38.63 19.90
N GLU B 87 -8.26 38.48 18.89
CA GLU B 87 -8.64 38.49 17.44
C GLU B 87 -9.46 37.23 17.13
N GLU B 88 -9.10 36.10 17.74
CA GLU B 88 -9.72 34.80 17.39
C GLU B 88 -11.07 34.71 18.10
N ARG B 89 -11.26 35.46 19.21
CA ARG B 89 -12.57 35.57 19.90
C ARG B 89 -13.61 36.02 18.86
N VAL B 90 -13.27 37.06 18.09
CA VAL B 90 -14.20 37.65 17.09
C VAL B 90 -14.74 36.55 16.17
N ALA B 91 -13.85 35.73 15.62
CA ALA B 91 -14.25 34.70 14.67
C ALA B 91 -15.03 33.58 15.39
N ALA B 92 -14.57 33.05 16.54
CA ALA B 92 -15.30 31.99 17.28
C ALA B 92 -16.71 32.47 17.65
N ARG B 93 -16.80 33.70 18.14
CA ARG B 93 -18.11 34.26 18.58
C ARG B 93 -19.04 34.44 17.36
N GLY B 94 -18.52 34.80 16.16
CA GLY B 94 -19.30 34.80 14.90
C GLY B 94 -19.98 33.45 14.68
N TRP B 95 -19.28 32.38 14.92
CA TRP B 95 -19.88 31.01 14.79
C TRP B 95 -20.89 30.79 15.92
N ILE B 96 -20.47 31.03 17.16
CA ILE B 96 -21.35 30.79 18.33
C ILE B 96 -22.67 31.57 18.23
N HIS B 97 -22.60 32.89 18.02
CA HIS B 97 -23.77 33.81 17.97
C HIS B 97 -24.70 33.46 16.79
N THR B 98 -24.17 33.19 15.60
CA THR B 98 -25.04 32.93 14.42
C THR B 98 -25.81 31.66 14.72
N ALA B 99 -25.12 30.66 15.27
CA ALA B 99 -25.69 29.33 15.57
C ALA B 99 -26.79 29.56 16.61
N TRP B 100 -26.47 30.31 17.65
CA TRP B 100 -27.41 30.62 18.75
C TRP B 100 -28.64 31.40 18.23
N GLN B 101 -28.43 32.52 17.54
CA GLN B 101 -29.50 33.42 17.04
C GLN B 101 -30.47 32.64 16.14
N LEU B 102 -29.99 31.80 15.23
CA LEU B 102 -30.87 30.90 14.42
C LEU B 102 -31.85 30.14 15.33
N HIS B 103 -31.34 29.42 16.34
CA HIS B 103 -32.17 28.69 17.35
C HIS B 103 -33.19 29.64 18.03
N GLN B 104 -32.72 30.77 18.56
CA GLN B 104 -33.59 31.80 19.21
C GLN B 104 -34.72 32.23 18.28
N ASP B 105 -34.53 32.19 16.95
CA ASP B 105 -35.51 32.62 15.93
C ASP B 105 -36.36 31.44 15.43
N GLY B 106 -36.20 30.24 15.97
CA GLY B 106 -37.06 29.09 15.65
C GLY B 106 -36.65 28.43 14.34
N ILE B 107 -35.39 28.64 13.92
CA ILE B 107 -34.86 28.13 12.62
C ILE B 107 -33.89 26.99 12.93
N ASP B 108 -34.30 25.75 12.69
CA ASP B 108 -33.39 24.59 12.66
C ASP B 108 -32.72 24.57 11.27
N ILE B 109 -31.46 24.96 11.21
CA ILE B 109 -30.75 25.19 9.91
C ILE B 109 -30.63 23.88 9.14
N TYR B 110 -30.55 22.74 9.82
CA TYR B 110 -30.37 21.44 9.12
C TYR B 110 -31.72 20.96 8.56
N ALA B 111 -32.82 21.16 9.28
CA ALA B 111 -34.18 20.76 8.86
C ALA B 111 -34.52 21.53 7.59
N ARG B 112 -34.14 22.81 7.56
CA ARG B 112 -34.45 23.78 6.47
C ARG B 112 -33.60 23.41 5.24
N TRP B 113 -32.35 23.01 5.46
CA TRP B 113 -31.44 22.61 4.37
C TRP B 113 -31.85 21.27 3.77
N ILE B 114 -32.21 20.31 4.64
CA ILE B 114 -32.75 18.99 4.19
C ILE B 114 -33.93 19.26 3.24
N ARG B 115 -35.00 19.87 3.77
CA ARG B 115 -36.25 20.24 3.07
C ARG B 115 -35.95 20.93 1.73
N ARG B 116 -35.08 21.95 1.74
CA ARG B 116 -34.70 22.74 0.54
C ARG B 116 -33.91 21.85 -0.44
N CYS B 117 -32.93 21.09 0.03
CA CYS B 117 -32.27 20.06 -0.80
C CYS B 117 -33.34 19.33 -1.65
N ARG B 118 -34.39 18.73 -1.09
CA ARG B 118 -35.32 17.86 -1.89
C ARG B 118 -36.15 18.66 -2.91
N GLN B 119 -36.54 19.90 -2.60
CA GLN B 119 -37.21 20.81 -3.55
C GLN B 119 -36.29 21.11 -4.75
N ARG B 120 -34.96 21.01 -4.55
CA ARG B 120 -33.94 21.33 -5.58
C ARG B 120 -33.34 20.04 -6.18
N GLY B 121 -33.99 18.90 -5.96
CA GLY B 121 -33.61 17.60 -6.58
C GLY B 121 -32.29 17.07 -6.05
N ILE B 122 -31.82 17.58 -4.93
CA ILE B 122 -30.51 17.21 -4.32
C ILE B 122 -30.80 16.23 -3.16
N SER B 123 -29.98 15.21 -2.99
CA SER B 123 -30.17 14.23 -1.88
C SER B 123 -29.47 14.76 -0.62
N PRO B 124 -30.20 15.04 0.49
CA PRO B 124 -29.59 15.62 1.68
C PRO B 124 -29.03 14.58 2.64
N TRP B 125 -27.81 14.73 3.10
CA TRP B 125 -27.28 13.76 4.09
C TRP B 125 -26.88 14.50 5.34
N ILE B 126 -26.76 13.78 6.43
CA ILE B 126 -26.04 14.29 7.63
C ILE B 126 -24.70 13.56 7.74
N SER B 127 -23.64 14.31 8.00
CA SER B 127 -22.26 13.81 8.15
C SER B 127 -21.74 14.25 9.52
N MET B 128 -21.68 13.28 10.43
CA MET B 128 -21.16 13.45 11.81
C MET B 128 -19.64 13.30 11.85
N ARG B 129 -18.96 14.25 12.46
CA ARG B 129 -17.52 14.10 12.81
C ARG B 129 -17.41 13.24 14.08
N MET B 130 -16.89 12.03 13.91
CA MET B 130 -16.85 10.97 14.97
C MET B 130 -15.85 11.32 16.06
N ASN B 131 -14.81 12.13 15.80
CA ASN B 131 -13.71 12.33 16.78
C ASN B 131 -12.88 13.61 16.48
N ASP B 132 -13.55 14.75 16.28
CA ASP B 132 -12.88 16.05 16.09
C ASP B 132 -12.08 16.45 17.32
N VAL B 133 -10.90 17.02 17.07
CA VAL B 133 -9.90 17.36 18.11
C VAL B 133 -9.22 18.70 17.80
N HIS B 134 -9.90 19.56 17.04
CA HIS B 134 -9.33 20.93 16.85
C HIS B 134 -9.01 21.58 18.19
N TYR B 135 -7.78 22.08 18.35
CA TYR B 135 -7.37 23.01 19.43
C TYR B 135 -7.37 22.30 20.80
N VAL B 136 -7.12 20.98 20.84
CA VAL B 136 -7.17 20.19 22.12
C VAL B 136 -5.92 20.52 22.94
N ASN B 137 -5.04 21.33 22.37
CA ASN B 137 -3.88 21.87 23.10
C ASN B 137 -4.37 22.91 24.12
N ASP B 138 -5.56 23.46 23.89
CA ASP B 138 -6.27 24.47 24.75
C ASP B 138 -7.44 23.76 25.43
N GLU B 139 -7.19 23.34 26.68
CA GLU B 139 -8.13 22.53 27.49
C GLU B 139 -9.37 23.37 27.78
N ARG B 140 -9.25 24.70 27.80
CA ARG B 140 -10.40 25.59 28.14
C ARG B 140 -11.15 26.14 26.90
N CYS B 141 -10.87 25.59 25.71
CA CYS B 141 -11.33 26.12 24.39
C CYS B 141 -12.86 25.94 24.28
N PHE B 142 -13.53 26.95 23.73
CA PHE B 142 -15.00 27.02 23.59
C PHE B 142 -15.57 25.77 22.94
N LEU B 143 -14.92 25.13 21.96
CA LEU B 143 -15.61 24.13 21.08
C LEU B 143 -15.41 22.67 21.57
N HIS B 144 -14.69 22.43 22.65
CA HIS B 144 -14.62 21.10 23.32
C HIS B 144 -15.92 20.83 24.09
N SER B 145 -16.44 19.58 24.13
CA SER B 145 -17.56 19.13 24.98
C SER B 145 -17.05 19.02 26.43
N GLU B 146 -17.88 19.45 27.38
CA GLU B 146 -17.64 19.28 28.84
C GLU B 146 -17.36 17.79 29.10
N PHE B 147 -17.98 16.88 28.32
CA PHE B 147 -17.80 15.42 28.42
C PHE B 147 -16.32 15.09 28.19
N TRP B 148 -15.73 15.68 27.14
CA TRP B 148 -14.28 15.61 26.82
C TRP B 148 -13.45 16.27 27.92
N ARG B 149 -13.86 17.45 28.43
CA ARG B 149 -13.01 18.15 29.43
C ARG B 149 -12.97 17.35 30.74
N GLU B 150 -14.07 16.71 31.12
CA GLU B 150 -14.25 16.08 32.44
C GLU B 150 -13.63 14.68 32.45
N ASN B 151 -13.28 14.12 31.30
CA ASN B 151 -12.93 12.68 31.17
C ASN B 151 -11.62 12.47 30.41
N PRO B 152 -10.51 13.05 30.90
CA PRO B 152 -9.21 12.86 30.26
C PRO B 152 -8.81 11.38 30.20
N GLN B 153 -9.27 10.55 31.16
CA GLN B 153 -9.02 9.07 31.14
C GLN B 153 -9.59 8.39 29.89
N LEU B 154 -10.50 9.02 29.15
CA LEU B 154 -11.07 8.39 27.93
C LEU B 154 -10.30 8.79 26.66
N ARG B 155 -9.17 9.49 26.76
CA ARG B 155 -8.34 9.82 25.59
C ARG B 155 -7.46 8.63 25.17
N ARG B 156 -6.95 8.75 23.97
CA ARG B 156 -6.24 7.71 23.21
C ARG B 156 -4.84 7.47 23.79
N VAL B 157 -4.11 8.55 24.09
CA VAL B 157 -2.67 8.49 24.46
C VAL B 157 -2.41 9.31 25.70
N PRO B 158 -2.44 8.67 26.91
CA PRO B 158 -2.10 9.35 28.16
C PRO B 158 -0.61 9.67 28.38
N TYR B 159 0.31 9.12 27.59
CA TYR B 159 1.74 9.08 27.99
C TYR B 159 2.51 10.19 27.24
N ARG B 160 1.82 10.99 26.46
CA ARG B 160 2.47 12.11 25.73
C ARG B 160 1.41 12.97 25.05
N PHE B 161 1.80 14.16 24.59
CA PHE B 161 0.96 15.01 23.74
C PHE B 161 1.87 15.63 22.69
N ALA B 162 2.05 15.04 21.50
CA ALA B 162 2.89 15.62 20.42
C ALA B 162 1.96 16.08 19.29
N GLU B 163 0.73 15.57 19.26
CA GLU B 163 -0.28 15.71 18.18
C GLU B 163 -1.67 15.87 18.82
N TRP B 164 -2.57 16.65 18.21
CA TRP B 164 -3.98 16.77 18.63
C TRP B 164 -4.64 15.39 18.82
N THR B 165 -4.39 14.44 17.90
CA THR B 165 -4.97 13.08 17.90
C THR B 165 -4.60 12.31 19.17
N ASP B 166 -3.54 12.71 19.86
CA ASP B 166 -3.18 12.13 21.19
C ASP B 166 -4.29 12.41 22.22
N ARG B 167 -5.18 13.41 22.05
CA ARG B 167 -6.27 13.67 23.04
C ARG B 167 -7.62 13.34 22.45
N ALA B 168 -7.67 12.64 21.31
CA ALA B 168 -8.93 12.13 20.72
C ALA B 168 -9.57 11.15 21.69
N PHE B 169 -10.87 10.94 21.58
CA PHE B 169 -11.54 9.90 22.38
C PHE B 169 -11.04 8.51 21.95
N ASP B 170 -10.89 7.61 22.92
CA ASP B 170 -10.64 6.17 22.70
C ASP B 170 -11.94 5.44 22.41
N TYR B 171 -12.26 5.09 21.16
CA TYR B 171 -13.48 4.29 20.84
C TYR B 171 -13.41 2.86 21.42
N GLY B 172 -12.24 2.43 21.92
CA GLY B 172 -12.12 1.21 22.75
C GLY B 172 -13.04 1.24 23.95
N ARG B 173 -13.36 2.42 24.45
CA ARG B 173 -14.17 2.58 25.69
CA ARG B 173 -14.17 2.58 25.70
C ARG B 173 -15.67 2.51 25.35
N ALA B 174 -16.42 1.74 26.14
CA ALA B 174 -17.91 1.66 26.03
C ALA B 174 -18.52 3.07 26.21
N GLU B 175 -17.97 3.84 27.15
CA GLU B 175 -18.46 5.20 27.51
CA GLU B 175 -18.44 5.20 27.51
C GLU B 175 -18.40 6.11 26.28
N VAL B 176 -17.28 6.07 25.54
CA VAL B 176 -17.04 6.92 24.33
C VAL B 176 -18.00 6.51 23.21
N ARG B 177 -18.17 5.20 22.96
CA ARG B 177 -19.12 4.73 21.92
C ARG B 177 -20.55 5.20 22.25
N GLU B 178 -20.99 4.98 23.51
CA GLU B 178 -22.32 5.41 24.00
C GLU B 178 -22.48 6.92 23.77
N HIS B 179 -21.46 7.72 24.09
CA HIS B 179 -21.48 9.18 23.91
C HIS B 179 -21.77 9.53 22.43
N HIS B 180 -21.14 8.83 21.49
CA HIS B 180 -21.29 9.14 20.05
C HIS B 180 -22.62 8.59 19.53
N LEU B 181 -23.06 7.44 20.05
CA LEU B 181 -24.35 6.80 19.68
C LEU B 181 -25.52 7.66 20.22
N LYS B 182 -25.34 8.42 21.32
CA LYS B 182 -26.41 9.36 21.80
C LYS B 182 -26.69 10.42 20.69
N LEU B 183 -25.63 10.97 20.08
CA LEU B 183 -25.77 12.01 19.01
C LEU B 183 -26.50 11.40 17.81
N ILE B 184 -26.08 10.21 17.39
CA ILE B 184 -26.69 9.49 16.23
C ILE B 184 -28.19 9.24 16.47
N ARG B 185 -28.58 8.70 17.61
CA ARG B 185 -30.01 8.41 17.92
C ARG B 185 -30.81 9.72 17.77
N GLU B 186 -30.26 10.83 18.24
CA GLU B 186 -30.89 12.16 18.13
C GLU B 186 -30.96 12.62 16.67
N LEU B 187 -29.83 12.55 15.93
CA LEU B 187 -29.77 13.00 14.51
C LEU B 187 -30.81 12.24 13.70
N ALA B 188 -30.93 10.91 13.88
CA ALA B 188 -31.92 10.09 13.14
C ALA B 188 -33.36 10.49 13.54
N ALA B 189 -33.61 10.82 14.81
CA ALA B 189 -34.96 11.24 15.31
C ALA B 189 -35.36 12.63 14.83
N ARG B 190 -34.46 13.59 14.96
CA ARG B 190 -34.66 15.04 14.65
C ARG B 190 -34.70 15.28 13.12
N TYR B 191 -33.86 14.61 12.32
CA TYR B 191 -33.63 14.93 10.88
C TYR B 191 -34.04 13.79 9.94
N ASP B 192 -34.78 14.14 8.88
CA ASP B 192 -35.31 13.18 7.88
C ASP B 192 -34.39 13.16 6.67
N PHE B 193 -33.14 12.72 6.87
CA PHE B 193 -32.04 12.70 5.87
C PHE B 193 -32.20 11.48 4.95
N ASP B 194 -31.60 11.52 3.76
CA ASP B 194 -31.62 10.33 2.85
C ASP B 194 -30.52 9.37 3.29
N GLY B 195 -29.46 9.88 3.89
CA GLY B 195 -28.40 9.04 4.44
C GLY B 195 -27.62 9.71 5.55
N LEU B 196 -27.03 8.87 6.36
CA LEU B 196 -26.14 9.31 7.46
C LEU B 196 -24.74 8.89 7.05
N GLU B 197 -23.81 9.84 7.02
CA GLU B 197 -22.37 9.56 6.83
C GLU B 197 -21.69 9.54 8.22
N LEU B 198 -21.06 8.42 8.56
CA LEU B 198 -20.09 8.37 9.70
C LEU B 198 -18.72 8.90 9.26
N ASP B 199 -18.30 10.11 9.64
CA ASP B 199 -17.01 10.74 9.16
C ASP B 199 -15.85 10.44 10.12
N TRP B 200 -15.31 9.22 10.00
CA TRP B 200 -14.19 8.69 10.82
C TRP B 200 -12.95 9.51 10.49
N MET B 201 -12.99 10.27 9.41
CA MET B 201 -11.78 11.00 8.96
C MET B 201 -11.57 12.34 9.69
N ARG B 202 -12.42 12.60 10.69
CA ARG B 202 -12.19 13.75 11.61
C ARG B 202 -12.03 13.13 13.01
N PHE B 203 -10.82 12.67 13.37
CA PHE B 203 -9.52 12.95 12.72
C PHE B 203 -8.79 11.65 12.29
N GLY B 204 -9.49 10.55 12.12
CA GLY B 204 -8.91 9.27 11.62
C GLY B 204 -8.42 8.32 12.71
N PHE B 205 -8.14 8.84 13.91
CA PHE B 205 -7.45 8.20 15.06
C PHE B 205 -8.40 8.01 16.25
N HIS B 206 -8.84 6.78 16.48
CA HIS B 206 -9.97 6.43 17.37
C HIS B 206 -9.54 5.41 18.45
N PHE B 207 -8.31 4.88 18.48
CA PHE B 207 -7.94 3.73 19.35
C PHE B 207 -6.60 4.02 20.03
N ARG B 208 -6.30 3.42 21.19
CA ARG B 208 -4.93 3.42 21.79
C ARG B 208 -3.99 2.86 20.72
N PRO B 209 -2.80 3.45 20.53
CA PRO B 209 -1.78 2.90 19.64
C PRO B 209 -1.43 1.44 19.97
N GLY B 210 -1.79 0.53 19.07
CA GLY B 210 -1.46 -0.90 19.07
C GLY B 210 -2.72 -1.73 19.18
N TYR B 211 -3.84 -1.10 19.54
CA TYR B 211 -5.12 -1.79 19.82
C TYR B 211 -6.01 -1.72 18.58
N GLU B 212 -5.44 -1.49 17.40
CA GLU B 212 -6.29 -1.12 16.25
C GLU B 212 -7.01 -2.36 15.73
N ALA B 213 -6.53 -3.58 16.01
CA ALA B 213 -7.17 -4.82 15.51
C ALA B 213 -8.45 -5.09 16.31
N GLU B 214 -8.36 -5.10 17.63
CA GLU B 214 -9.60 -5.09 18.45
C GLU B 214 -10.51 -3.92 17.96
N GLY B 215 -9.96 -2.73 17.73
CA GLY B 215 -10.74 -1.56 17.30
C GLY B 215 -11.57 -1.87 16.05
N ALA B 216 -10.97 -2.55 15.08
CA ALA B 216 -11.64 -2.98 13.83
C ALA B 216 -12.93 -3.74 14.13
N GLU B 217 -12.89 -4.75 15.03
CA GLU B 217 -14.07 -5.54 15.45
C GLU B 217 -15.09 -4.60 16.13
N ILE B 218 -14.60 -3.68 16.96
CA ILE B 218 -15.45 -2.69 17.70
C ILE B 218 -16.15 -1.74 16.70
N LEU B 219 -15.46 -1.18 15.70
CA LEU B 219 -16.13 -0.19 14.82
C LEU B 219 -17.16 -0.87 13.89
N THR B 220 -16.92 -2.13 13.49
CA THR B 220 -17.84 -2.96 12.66
C THR B 220 -19.12 -3.18 13.45
N ALA B 221 -19.02 -3.43 14.76
CA ALA B 221 -20.20 -3.70 15.62
C ALA B 221 -20.96 -2.37 15.84
N PHE B 222 -20.24 -1.28 16.08
CA PHE B 222 -20.78 0.09 16.14
C PHE B 222 -21.56 0.34 14.83
N THR B 223 -20.89 0.21 13.68
CA THR B 223 -21.52 0.46 12.35
C THR B 223 -22.83 -0.34 12.28
N ALA B 224 -22.85 -1.59 12.74
CA ALA B 224 -24.01 -2.51 12.61
C ALA B 224 -25.21 -1.99 13.42
N GLU B 225 -24.96 -1.41 14.60
CA GLU B 225 -25.98 -0.74 15.47
C GLU B 225 -26.55 0.47 14.74
N VAL B 226 -25.68 1.29 14.14
CA VAL B 226 -26.08 2.46 13.29
C VAL B 226 -27.07 1.94 12.23
N ARG B 227 -26.72 0.88 11.50
CA ARG B 227 -27.55 0.31 10.40
C ARG B 227 -28.88 -0.16 10.96
N ARG B 228 -28.83 -0.91 12.06
CA ARG B 228 -30.00 -1.53 12.75
C ARG B 228 -30.99 -0.43 13.15
N LEU B 229 -30.46 0.66 13.71
CA LEU B 229 -31.22 1.87 14.09
C LEU B 229 -31.79 2.59 12.85
N LEU B 230 -31.00 2.76 11.79
CA LEU B 230 -31.54 3.42 10.57
C LEU B 230 -32.64 2.55 9.94
N ASP B 231 -32.60 1.21 10.08
CA ASP B 231 -33.64 0.28 9.56
C ASP B 231 -34.99 0.57 10.25
N ASP B 232 -35.00 0.85 11.56
CA ASP B 232 -36.22 1.28 12.31
C ASP B 232 -36.75 2.59 11.70
N TRP B 233 -35.89 3.59 11.55
CA TRP B 233 -36.26 4.94 11.06
C TRP B 233 -36.76 4.88 9.61
N GLU B 234 -36.27 3.92 8.80
CA GLU B 234 -36.75 3.59 7.43
C GLU B 234 -38.27 3.30 7.51
N LYS B 235 -38.69 2.55 8.53
CA LYS B 235 -40.12 2.14 8.68
C LYS B 235 -40.93 3.37 9.13
N ARG B 236 -40.42 4.08 10.13
CA ARG B 236 -41.00 5.34 10.63
C ARG B 236 -41.04 6.39 9.50
N ARG B 237 -39.97 6.61 8.76
CA ARG B 237 -39.93 7.69 7.72
C ARG B 237 -40.67 7.30 6.46
N GLY B 238 -40.71 5.99 6.16
CA GLY B 238 -41.38 5.41 4.97
C GLY B 238 -40.53 5.48 3.72
N HIS B 239 -39.22 5.63 3.84
CA HIS B 239 -38.29 5.54 2.70
C HIS B 239 -36.94 4.98 3.15
N LYS B 240 -36.12 4.57 2.20
CA LYS B 240 -34.75 4.01 2.43
C LYS B 240 -33.84 5.09 3.03
N ILE B 241 -33.06 4.73 4.04
CA ILE B 241 -32.03 5.61 4.65
C ILE B 241 -30.66 4.93 4.42
N HIS B 242 -29.74 5.61 3.74
CA HIS B 242 -28.38 5.10 3.44
C HIS B 242 -27.44 5.38 4.61
N LEU B 243 -26.46 4.50 4.81
CA LEU B 243 -25.35 4.66 5.79
C LEU B 243 -24.03 4.61 5.02
N GLY B 244 -23.23 5.67 5.14
CA GLY B 244 -21.85 5.73 4.59
C GLY B 244 -20.84 6.12 5.65
N ALA B 245 -19.57 6.20 5.21
CA ALA B 245 -18.34 6.45 6.02
C ALA B 245 -17.17 7.02 5.19
N ARG B 246 -16.36 7.80 5.87
CA ARG B 246 -15.12 8.36 5.33
C ARG B 246 -14.02 7.56 6.02
N ILE B 247 -13.14 6.96 5.24
CA ILE B 247 -12.05 6.07 5.66
C ILE B 247 -10.79 6.49 4.93
N PRO B 248 -9.60 5.98 5.34
CA PRO B 248 -8.37 6.27 4.61
C PRO B 248 -8.38 5.80 3.14
N SER B 249 -7.45 6.39 2.41
CA SER B 249 -7.29 6.32 0.94
C SER B 249 -6.77 4.92 0.51
N ARG B 250 -6.00 4.22 1.36
CA ARG B 250 -5.36 2.91 1.00
C ARG B 250 -5.92 1.83 1.93
N PRO B 251 -6.36 0.66 1.41
CA PRO B 251 -6.87 -0.42 2.25
C PRO B 251 -6.02 -0.75 3.48
N ALA B 252 -4.72 -0.97 3.36
CA ALA B 252 -3.85 -1.30 4.52
C ALA B 252 -3.92 -0.20 5.63
N THR B 253 -3.90 1.11 5.29
CA THR B 253 -3.94 2.22 6.30
C THR B 253 -5.31 2.22 6.99
N ALA B 254 -6.38 2.02 6.21
CA ALA B 254 -7.76 1.90 6.72
C ALA B 254 -7.87 0.75 7.75
N LEU B 255 -7.38 -0.45 7.43
CA LEU B 255 -7.53 -1.62 8.36
C LEU B 255 -6.65 -1.37 9.59
N GLY B 256 -5.53 -0.67 9.39
CA GLY B 256 -4.53 -0.34 10.43
C GLY B 256 -5.00 0.72 11.39
N LEU B 257 -6.02 1.53 11.02
CA LEU B 257 -6.71 2.47 11.94
C LEU B 257 -8.05 1.91 12.42
N GLY B 258 -8.29 0.61 12.29
CA GLY B 258 -9.48 -0.12 12.75
C GLY B 258 -10.71 0.07 11.88
N MET B 259 -10.54 0.38 10.59
CA MET B 259 -11.67 0.53 9.62
C MET B 259 -11.58 -0.60 8.58
N ASP B 260 -12.32 -1.69 8.81
CA ASP B 260 -12.42 -2.88 7.94
C ASP B 260 -13.67 -2.67 7.08
N ALA B 261 -13.56 -1.79 6.09
CA ALA B 261 -14.70 -1.30 5.27
C ALA B 261 -15.20 -2.44 4.38
N VAL B 262 -14.29 -3.30 3.94
CA VAL B 262 -14.67 -4.51 3.17
C VAL B 262 -15.65 -5.36 3.95
N THR B 263 -15.45 -5.60 5.27
CA THR B 263 -16.43 -6.34 6.13
C THR B 263 -17.74 -5.56 6.18
N TRP B 264 -17.68 -4.25 6.34
CA TRP B 264 -18.88 -3.38 6.43
C TRP B 264 -19.69 -3.59 5.15
N ALA B 265 -19.03 -3.47 3.99
CA ALA B 265 -19.66 -3.55 2.66
C ALA B 265 -20.29 -4.92 2.48
N ARG B 266 -19.57 -5.99 2.82
CA ARG B 266 -20.07 -7.37 2.57
C ARG B 266 -21.23 -7.67 3.51
N ARG B 267 -21.24 -7.10 4.71
CA ARG B 267 -22.31 -7.43 5.67
C ARG B 267 -23.52 -6.53 5.40
N GLY B 268 -23.43 -5.67 4.40
CA GLY B 268 -24.54 -4.78 4.02
C GLY B 268 -24.76 -3.69 5.05
N LEU B 269 -23.72 -3.26 5.75
CA LEU B 269 -23.84 -2.23 6.82
C LEU B 269 -23.82 -0.84 6.18
N VAL B 270 -22.92 -0.62 5.24
CA VAL B 270 -22.76 0.67 4.51
C VAL B 270 -23.24 0.45 3.07
N ASP B 271 -23.55 1.53 2.35
CA ASP B 271 -23.82 1.48 0.90
C ASP B 271 -23.06 2.61 0.20
N MET B 272 -22.25 3.37 0.95
CA MET B 272 -21.32 4.36 0.38
C MET B 272 -20.03 4.39 1.22
N LEU B 273 -18.87 4.43 0.55
CA LEU B 273 -17.54 4.60 1.20
C LEU B 273 -16.85 5.77 0.52
N VAL B 274 -16.29 6.68 1.31
CA VAL B 274 -15.56 7.84 0.78
C VAL B 274 -14.09 7.63 1.14
N ILE B 275 -13.25 7.30 0.17
CA ILE B 275 -11.81 7.11 0.45
C ILE B 275 -11.25 8.51 0.38
N THR B 276 -10.42 8.90 1.31
CA THR B 276 -10.03 10.32 1.41
C THR B 276 -8.80 10.48 2.28
N PRO B 277 -8.02 11.53 1.95
CA PRO B 277 -7.08 12.09 2.92
C PRO B 277 -7.79 12.83 4.07
N PHE B 278 -6.98 13.20 5.03
CA PHE B 278 -7.40 13.91 6.26
C PHE B 278 -7.52 15.42 5.96
N TRP B 279 -6.43 16.10 5.57
CA TRP B 279 -6.42 17.57 5.39
C TRP B 279 -5.21 18.19 4.67
N ALA B 280 -4.01 17.72 4.97
CA ALA B 280 -2.73 18.31 4.51
C ALA B 280 -2.65 18.59 3.01
N SER B 281 -3.25 17.70 2.20
CA SER B 281 -3.31 17.81 0.73
C SER B 281 -4.33 16.82 0.14
N ALA B 282 -5.04 17.25 -0.89
CA ALA B 282 -5.74 16.29 -1.75
C ALA B 282 -4.67 15.26 -2.15
N GLU B 283 -5.12 14.03 -2.29
CA GLU B 283 -4.39 12.94 -2.98
C GLU B 283 -4.97 12.87 -4.40
N THR B 284 -4.11 13.07 -5.39
CA THR B 284 -4.46 13.05 -6.81
C THR B 284 -4.39 11.59 -7.26
N ASP B 285 -3.79 10.76 -6.39
CA ASP B 285 -3.42 9.36 -6.65
C ASP B 285 -3.91 8.48 -5.49
N MET B 286 -5.04 7.80 -5.71
CA MET B 286 -5.60 6.82 -4.73
C MET B 286 -5.94 5.51 -5.44
N PRO B 287 -5.74 4.34 -4.81
CA PRO B 287 -5.90 3.06 -5.53
C PRO B 287 -7.39 2.70 -5.70
N VAL B 288 -8.14 3.51 -6.45
CA VAL B 288 -9.61 3.33 -6.61
C VAL B 288 -9.86 1.92 -7.14
N GLU B 289 -9.08 1.46 -8.12
CA GLU B 289 -9.37 0.21 -8.86
C GLU B 289 -9.29 -0.98 -7.90
N ILE B 290 -8.38 -0.95 -6.92
CA ILE B 290 -8.21 -2.02 -5.89
C ILE B 290 -9.44 -2.05 -5.00
N TRP B 291 -9.85 -0.87 -4.50
CA TRP B 291 -11.09 -0.68 -3.71
C TRP B 291 -12.24 -1.26 -4.52
N ARG B 292 -12.26 -1.03 -5.85
CA ARG B 292 -13.42 -1.48 -6.67
C ARG B 292 -13.43 -3.01 -6.66
N GLN B 293 -12.27 -3.68 -6.77
CA GLN B 293 -12.21 -5.17 -6.70
C GLN B 293 -12.66 -5.65 -5.30
N LEU B 294 -12.11 -5.03 -4.25
CA LEU B 294 -12.45 -5.32 -2.82
C LEU B 294 -13.96 -5.22 -2.55
N LEU B 295 -14.68 -4.32 -3.23
CA LEU B 295 -16.14 -4.05 -2.97
C LEU B 295 -17.05 -4.74 -4.00
N GLU B 296 -16.49 -5.32 -5.06
CA GLU B 296 -17.21 -6.13 -6.07
C GLU B 296 -18.44 -6.81 -5.42
N GLY B 297 -19.65 -6.67 -6.01
CA GLY B 297 -20.88 -7.36 -5.59
C GLY B 297 -21.51 -6.81 -4.29
N THR B 298 -21.04 -5.71 -3.72
CA THR B 298 -21.54 -5.24 -2.39
C THR B 298 -22.63 -4.17 -2.55
N GLY B 299 -22.79 -3.64 -3.79
CA GLY B 299 -23.68 -2.52 -4.15
C GLY B 299 -23.32 -1.23 -3.45
N VAL B 300 -22.06 -1.08 -3.06
CA VAL B 300 -21.57 0.12 -2.34
C VAL B 300 -21.08 1.15 -3.38
N THR B 301 -21.40 2.42 -3.17
CA THR B 301 -20.92 3.53 -4.01
C THR B 301 -19.55 3.94 -3.50
N LEU B 302 -18.50 3.74 -4.29
CA LEU B 302 -17.15 4.20 -3.90
C LEU B 302 -17.01 5.66 -4.33
N ALA B 303 -16.72 6.55 -3.38
CA ALA B 303 -16.55 8.00 -3.61
C ALA B 303 -15.09 8.31 -3.37
N ALA B 304 -14.47 8.99 -4.34
CA ALA B 304 -13.08 9.47 -4.22
C ALA B 304 -13.12 10.87 -3.61
N GLY B 305 -12.64 11.01 -2.37
CA GLY B 305 -12.60 12.26 -1.59
C GLY B 305 -11.45 13.19 -1.97
N LEU B 306 -11.73 14.40 -2.42
CA LEU B 306 -10.72 15.47 -2.47
C LEU B 306 -10.77 16.40 -1.23
N GLU B 307 -9.61 17.00 -0.92
CA GLU B 307 -9.43 18.06 0.07
C GLU B 307 -9.00 19.31 -0.68
N VAL B 308 -9.18 20.49 -0.08
CA VAL B 308 -9.02 21.77 -0.80
C VAL B 308 -7.52 22.04 -1.04
N LEU B 309 -6.66 21.82 -0.04
CA LEU B 309 -5.19 22.03 -0.17
C LEU B 309 -4.57 21.17 -1.28
N LEU B 310 -3.58 21.70 -1.98
CA LEU B 310 -2.73 20.92 -2.93
C LEU B 310 -1.29 21.19 -2.55
N ARG B 311 -0.59 20.26 -1.86
CA ARG B 311 0.82 20.47 -1.44
C ARG B 311 1.67 19.27 -1.89
N PRO B 312 2.93 19.49 -2.35
CA PRO B 312 3.78 18.43 -2.90
C PRO B 312 4.37 17.42 -1.89
N TYR B 313 4.63 17.85 -0.66
CA TYR B 313 5.15 16.98 0.44
C TYR B 313 4.76 17.55 1.82
N PRO B 314 4.72 16.70 2.88
CA PRO B 314 4.20 17.03 4.21
C PRO B 314 4.75 18.30 4.89
N ASP B 315 6.04 18.54 4.67
CA ASP B 315 6.86 19.58 5.31
C ASP B 315 6.95 20.79 4.41
N SER B 316 6.21 20.81 3.31
CA SER B 316 6.23 22.01 2.42
C SER B 316 5.68 23.22 3.20
N PRO B 317 6.32 24.41 3.19
CA PRO B 317 5.70 25.65 3.71
C PRO B 317 4.64 26.26 2.77
N LEU B 318 4.28 25.62 1.64
CA LEU B 318 3.22 26.11 0.70
C LEU B 318 1.84 25.64 1.18
N PHE B 319 0.85 26.52 1.29
CA PHE B 319 -0.52 26.16 1.75
C PHE B 319 -1.51 26.76 0.75
N GLN B 320 -1.34 26.49 -0.54
CA GLN B 320 -2.27 26.95 -1.62
C GLN B 320 -3.29 25.82 -1.86
N THR B 321 -4.45 26.18 -2.39
CA THR B 321 -5.57 25.26 -2.66
C THR B 321 -5.58 24.80 -4.12
N ASN B 322 -6.38 23.77 -4.39
CA ASN B 322 -6.75 23.36 -5.76
C ASN B 322 -7.34 24.55 -6.57
N SER B 323 -7.08 24.55 -7.87
CA SER B 323 -7.76 25.39 -8.88
C SER B 323 -8.82 24.53 -9.58
N LEU B 324 -9.63 25.14 -10.45
CA LEU B 324 -10.47 24.33 -11.36
C LEU B 324 -9.59 23.36 -12.20
N GLU B 325 -8.41 23.78 -12.68
CA GLU B 325 -7.58 22.91 -13.54
C GLU B 325 -7.13 21.65 -12.75
N THR B 326 -6.63 21.82 -11.50
CA THR B 326 -6.09 20.72 -10.67
C THR B 326 -7.26 19.83 -10.19
N VAL B 327 -8.47 20.37 -9.92
CA VAL B 327 -9.62 19.49 -9.54
C VAL B 327 -10.05 18.73 -10.81
N ARG B 328 -9.90 19.35 -12.00
CA ARG B 328 -10.26 18.69 -13.28
C ARG B 328 -9.31 17.47 -13.46
N GLY B 329 -8.01 17.76 -13.31
CA GLY B 329 -6.94 16.76 -13.18
C GLY B 329 -7.31 15.63 -12.20
N ALA B 330 -7.56 15.92 -10.92
CA ALA B 330 -7.79 14.87 -9.88
C ALA B 330 -9.02 14.04 -10.28
N ALA B 331 -10.07 14.76 -10.71
CA ALA B 331 -11.42 14.22 -11.00
C ALA B 331 -11.37 13.36 -12.25
N ALA B 332 -10.65 13.82 -13.27
CA ALA B 332 -10.47 13.06 -14.53
C ALA B 332 -9.84 11.72 -14.18
N SER B 333 -8.75 11.76 -13.40
CA SER B 333 -7.96 10.58 -12.96
C SER B 333 -8.87 9.64 -12.20
N LEU B 334 -9.42 10.13 -11.06
CA LEU B 334 -10.23 9.28 -10.13
C LEU B 334 -11.39 8.69 -10.92
N LEU B 335 -12.15 9.43 -11.75
CA LEU B 335 -13.29 8.82 -12.49
C LEU B 335 -12.71 7.73 -13.41
N ASP B 336 -11.60 8.04 -14.07
CA ASP B 336 -10.95 7.10 -15.02
C ASP B 336 -10.70 5.78 -14.29
N ARG B 337 -10.43 5.80 -12.98
CA ARG B 337 -10.00 4.60 -12.24
C ARG B 337 -11.20 3.81 -11.73
N GLY B 338 -12.42 4.38 -11.85
CA GLY B 338 -13.66 3.73 -11.40
C GLY B 338 -14.32 4.41 -10.19
N ALA B 339 -13.95 5.61 -9.78
CA ALA B 339 -14.73 6.38 -8.77
C ALA B 339 -16.16 6.54 -9.27
N GLN B 340 -17.14 6.14 -8.45
CA GLN B 340 -18.60 6.26 -8.75
C GLN B 340 -19.17 7.56 -8.19
N ARG B 341 -18.32 8.45 -7.68
CA ARG B 341 -18.65 9.80 -7.19
C ARG B 341 -17.35 10.58 -6.96
N ILE B 342 -17.29 11.87 -7.26
CA ILE B 342 -16.28 12.77 -6.63
C ILE B 342 -16.93 13.48 -5.41
N TYR B 343 -16.21 13.45 -4.29
CA TYR B 343 -16.64 13.91 -2.95
C TYR B 343 -15.74 15.09 -2.61
N LEU B 344 -16.29 16.28 -2.44
CA LEU B 344 -15.47 17.48 -2.13
C LEU B 344 -15.59 17.72 -0.65
N PHE B 345 -14.47 17.92 0.04
CA PHE B 345 -14.37 18.28 1.48
C PHE B 345 -13.57 19.58 1.45
N ASN B 346 -14.14 20.61 2.10
CA ASN B 346 -13.49 21.94 2.26
C ASN B 346 -13.62 22.74 0.98
N TYR B 347 -14.57 22.40 0.11
CA TYR B 347 -14.81 23.20 -1.13
C TYR B 347 -16.12 23.92 -0.98
N MET B 348 -16.11 24.90 -0.09
CA MET B 348 -17.34 25.64 0.26
C MET B 348 -17.38 26.96 -0.49
N ASP B 349 -18.38 27.80 -0.23
CA ASP B 349 -18.72 28.96 -1.13
C ASP B 349 -17.96 30.23 -0.70
N SER B 350 -17.04 30.16 0.27
CA SER B 350 -16.27 31.30 0.81
C SER B 350 -15.34 30.82 1.94
N GLN B 351 -14.26 31.57 2.16
CA GLN B 351 -13.27 31.45 3.27
C GLN B 351 -12.49 30.11 3.16
N THR B 352 -13.14 28.94 3.29
CA THR B 352 -12.56 27.60 3.03
C THR B 352 -13.02 27.06 1.66
N ALA B 353 -12.27 27.33 0.63
CA ALA B 353 -12.72 27.25 -0.77
C ALA B 353 -11.51 27.27 -1.72
N MET B 354 -11.76 26.91 -2.97
CA MET B 354 -10.73 26.93 -4.05
C MET B 354 -10.16 28.34 -4.17
N GLU B 355 -8.91 28.47 -4.61
CA GLU B 355 -8.26 29.80 -4.73
C GLU B 355 -9.03 30.67 -5.74
N ASP B 356 -9.49 30.05 -6.84
CA ASP B 356 -10.23 30.70 -7.95
C ASP B 356 -11.75 30.54 -7.76
N LEU B 357 -12.31 31.21 -6.74
CA LEU B 357 -13.74 31.05 -6.37
C LEU B 357 -14.68 31.36 -7.55
N GLU B 358 -14.34 32.28 -8.46
CA GLU B 358 -15.16 32.64 -9.66
C GLU B 358 -15.43 31.40 -10.54
N ASN B 359 -14.70 30.32 -10.36
CA ASN B 359 -14.80 29.11 -11.22
C ASN B 359 -15.55 27.97 -10.51
N TYR B 360 -16.12 28.24 -9.32
CA TYR B 360 -16.83 27.26 -8.47
C TYR B 360 -18.11 26.84 -9.20
N PRO B 361 -18.89 27.78 -9.77
CA PRO B 361 -20.07 27.38 -10.56
C PRO B 361 -19.62 26.41 -11.67
N THR B 362 -18.52 26.72 -12.34
CA THR B 362 -18.05 25.87 -13.46
C THR B 362 -17.62 24.51 -12.90
N LEU B 363 -16.80 24.47 -11.83
CA LEU B 363 -16.32 23.25 -11.13
C LEU B 363 -17.48 22.28 -10.85
N LEU B 364 -18.61 22.76 -10.35
CA LEU B 364 -19.74 21.90 -9.89
C LEU B 364 -20.55 21.38 -11.07
N ARG B 365 -20.37 21.98 -12.24
CA ARG B 365 -21.04 21.55 -13.49
C ARG B 365 -20.08 20.69 -14.36
N GLU B 366 -18.82 20.48 -13.94
CA GLU B 366 -17.81 19.80 -14.82
C GLU B 366 -17.22 18.50 -14.24
N ILE B 367 -16.79 18.50 -12.96
CA ILE B 367 -15.88 17.49 -12.37
C ILE B 367 -16.62 16.20 -12.06
N GLY B 368 -17.94 16.16 -12.29
CA GLY B 368 -18.82 15.01 -12.03
C GLY B 368 -18.87 14.01 -13.16
N SER B 369 -18.16 14.21 -14.28
CA SER B 369 -18.31 13.34 -15.47
C SER B 369 -17.06 13.37 -16.37
N LEU B 370 -16.61 12.24 -16.89
CA LEU B 370 -15.51 12.27 -17.90
C LEU B 370 -15.93 13.13 -19.12
N GLU B 371 -17.20 13.04 -19.50
CA GLU B 371 -17.84 13.78 -20.64
C GLU B 371 -17.72 15.32 -20.49
N THR B 372 -17.88 15.87 -19.28
CA THR B 372 -17.87 17.33 -19.04
C THR B 372 -16.45 17.83 -18.77
N LEU B 373 -15.49 16.94 -18.42
CA LEU B 373 -14.05 17.27 -18.30
C LEU B 373 -13.35 17.21 -19.68
N ALA B 374 -13.90 16.44 -20.63
CA ALA B 374 -13.29 16.10 -21.94
C ALA B 374 -12.90 17.36 -22.74
N GLY B 375 -11.62 17.46 -23.12
CA GLY B 375 -11.07 18.55 -23.97
C GLY B 375 -10.95 19.88 -23.22
N LYS B 376 -10.83 19.82 -21.89
CA LYS B 376 -10.69 21.04 -21.04
C LYS B 376 -9.31 21.05 -20.38
N PRO B 377 -8.61 22.22 -20.29
CA PRO B 377 -7.37 22.32 -19.53
C PRO B 377 -7.41 21.64 -18.14
N ARG B 378 -6.44 20.78 -17.88
CA ARG B 378 -6.33 20.03 -16.59
C ARG B 378 -4.86 19.95 -16.17
N ARG B 379 -4.62 19.86 -14.85
CA ARG B 379 -3.26 19.72 -14.29
C ARG B 379 -3.23 18.54 -13.31
N HIS B 380 -2.31 17.57 -13.53
CA HIS B 380 -2.29 16.34 -12.71
C HIS B 380 -1.07 16.47 -11.82
N VAL B 381 -1.25 16.78 -10.54
CA VAL B 381 -0.11 17.23 -9.71
C VAL B 381 0.23 16.06 -8.77
N LEU B 382 1.50 15.79 -8.65
CA LEU B 382 2.05 14.78 -7.72
C LEU B 382 1.95 15.31 -6.28
N THR B 383 1.20 14.64 -5.41
CA THR B 383 1.22 14.87 -3.95
C THR B 383 1.58 13.57 -3.19
N PHE B 384 0.81 13.30 -2.14
CA PHE B 384 1.17 12.38 -1.05
C PHE B 384 -0.07 12.11 -0.18
N ALA B 385 0.06 11.04 0.54
CA ALA B 385 -0.93 10.55 1.51
C ALA B 385 -0.46 11.05 2.87
N ASP B 386 -1.34 11.82 3.56
CA ASP B 386 -1.04 12.50 4.85
C ASP B 386 -1.32 11.56 6.04
N THR B 387 -2.05 10.45 5.86
CA THR B 387 -2.52 9.58 6.97
C THR B 387 -2.05 8.15 6.79
N TRP B 388 -1.36 7.65 7.79
CA TRP B 388 -0.72 6.31 7.86
C TRP B 388 -1.02 5.74 9.26
N ALA B 389 -1.22 4.43 9.39
CA ALA B 389 -1.53 3.76 10.69
C ALA B 389 -0.28 3.85 11.55
N PRO B 390 -0.41 3.88 12.91
CA PRO B 390 0.75 4.10 13.77
C PRO B 390 1.83 3.05 13.43
N GLY B 391 3.06 3.48 13.15
CA GLY B 391 4.24 2.64 12.85
C GLY B 391 4.27 2.10 11.42
N GLU B 392 3.23 2.35 10.63
CA GLU B 392 3.22 1.99 9.18
C GLU B 392 4.29 2.82 8.48
N PRO B 393 5.25 2.18 7.78
CA PRO B 393 6.17 2.91 6.92
C PRO B 393 5.43 3.77 5.87
N ARG B 394 5.90 4.99 5.67
CA ARG B 394 5.31 6.06 4.80
C ARG B 394 6.03 6.10 3.43
N ALA B 395 5.24 6.15 2.35
CA ALA B 395 5.66 6.20 0.94
C ALA B 395 5.39 7.62 0.46
N ILE B 396 6.38 8.49 0.46
CA ILE B 396 6.25 9.92 0.06
C ILE B 396 7.11 10.22 -1.16
N PRO B 397 6.55 10.46 -2.37
CA PRO B 397 7.39 10.69 -3.56
C PRO B 397 8.33 11.90 -3.47
N LEU B 398 7.85 13.03 -2.89
CA LEU B 398 8.59 14.32 -2.97
C LEU B 398 9.02 14.80 -1.60
N PRO B 399 10.12 15.57 -1.48
CA PRO B 399 11.03 15.83 -2.58
C PRO B 399 11.96 14.62 -2.91
N ALA B 400 12.56 14.66 -4.10
CA ALA B 400 13.44 13.59 -4.64
C ALA B 400 14.71 14.19 -5.24
N THR B 401 15.84 13.82 -4.65
CA THR B 401 17.21 14.16 -5.12
C THR B 401 17.58 13.20 -6.26
N CYS B 402 18.16 13.72 -7.36
CA CYS B 402 18.84 12.96 -8.45
C CYS B 402 20.32 13.37 -8.46
N ARG B 403 21.23 12.46 -8.12
CA ARG B 403 22.69 12.66 -8.23
C ARG B 403 23.09 12.49 -9.69
N PRO B 404 24.26 13.05 -10.12
CA PRO B 404 24.67 13.04 -11.51
C PRO B 404 24.69 11.61 -12.10
N GLY B 405 24.00 11.40 -13.21
CA GLY B 405 24.04 10.14 -13.97
C GLY B 405 23.10 9.10 -13.41
N GLU B 406 22.34 9.45 -12.37
CA GLU B 406 21.37 8.57 -11.66
C GLU B 406 20.04 8.87 -12.32
N TRP B 407 19.12 7.93 -12.27
CA TRP B 407 17.76 8.02 -12.86
C TRP B 407 16.71 8.15 -11.75
N ARG B 408 15.73 9.03 -11.90
CA ARG B 408 14.62 9.08 -10.92
C ARG B 408 13.33 8.96 -11.71
N ALA B 409 12.33 8.29 -11.15
CA ALA B 409 11.04 8.14 -11.83
C ALA B 409 9.89 8.63 -10.93
N PHE B 410 8.89 9.29 -11.55
CA PHE B 410 7.61 9.59 -10.89
C PHE B 410 6.53 9.00 -11.77
N ARG B 411 5.60 8.22 -11.19
CA ARG B 411 4.34 7.89 -11.88
C ARG B 411 3.21 8.82 -11.44
N LEU B 412 2.53 9.42 -12.40
CA LEU B 412 1.40 10.32 -12.12
C LEU B 412 0.21 9.76 -12.88
N HIS B 413 -0.95 9.73 -12.24
CA HIS B 413 -2.19 9.22 -12.84
C HIS B 413 -2.89 10.40 -13.54
N THR B 414 -3.09 10.31 -14.84
CA THR B 414 -3.57 11.41 -15.73
C THR B 414 -4.83 10.91 -16.41
N GLY B 415 -5.36 9.80 -15.94
CA GLY B 415 -6.68 9.26 -16.31
C GLY B 415 -6.82 9.09 -17.82
N PRO B 416 -7.89 9.65 -18.45
CA PRO B 416 -8.18 9.39 -19.86
C PRO B 416 -7.03 9.91 -20.74
N LYS B 417 -6.74 9.13 -21.79
CA LYS B 417 -5.73 9.47 -22.81
C LYS B 417 -5.99 10.90 -23.29
N PRO B 418 -4.96 11.73 -23.53
CA PRO B 418 -5.18 13.11 -23.93
C PRO B 418 -5.76 13.22 -25.35
N GLU B 419 -6.67 14.16 -25.53
CA GLU B 419 -7.29 14.46 -26.83
C GLU B 419 -6.22 15.22 -27.63
N PRO B 420 -6.46 15.56 -28.93
CA PRO B 420 -5.46 16.29 -29.69
C PRO B 420 -5.14 17.59 -28.91
N GLY B 421 -3.87 17.91 -28.73
CA GLY B 421 -3.52 19.14 -28.00
C GLY B 421 -2.12 19.05 -27.47
N GLU B 422 -1.82 19.75 -26.36
CA GLU B 422 -0.45 19.90 -25.78
C GLU B 422 -0.36 19.06 -24.50
N VAL B 423 0.78 18.40 -24.31
CA VAL B 423 1.10 17.72 -23.02
C VAL B 423 2.49 18.19 -22.59
N ILE B 424 2.58 18.80 -21.39
CA ILE B 424 3.85 19.19 -20.70
C ILE B 424 3.99 18.29 -19.45
N ALA B 425 5.10 17.58 -19.33
CA ALA B 425 5.67 17.18 -18.03
C ALA B 425 6.40 18.40 -17.50
N ALA B 426 6.05 18.94 -16.33
CA ALA B 426 6.71 20.11 -15.73
C ALA B 426 7.35 19.69 -14.41
N LEU B 427 8.59 20.11 -14.12
CA LEU B 427 9.39 19.71 -12.95
C LEU B 427 9.99 20.96 -12.29
N GLY B 428 9.64 21.17 -11.02
CA GLY B 428 10.22 22.23 -10.19
C GLY B 428 11.42 21.74 -9.41
N ILE B 429 12.44 22.58 -9.32
CA ILE B 429 13.76 22.22 -8.74
C ILE B 429 14.02 23.12 -7.53
N GLU B 430 14.23 22.56 -6.34
CA GLU B 430 14.50 23.33 -5.07
C GLU B 430 16.00 23.57 -4.90
N GLY B 431 16.37 24.61 -4.16
CA GLY B 431 17.75 25.16 -4.17
C GLY B 431 17.75 26.58 -4.70
N GLY B 432 18.62 26.91 -5.66
CA GLY B 432 18.78 28.30 -6.14
C GLY B 432 19.62 28.38 -7.40
N ALA B 434 20.70 27.83 -11.91
CA ALA B 434 20.09 26.50 -11.69
C ALA B 434 20.50 25.55 -12.83
N ILE B 435 19.73 25.39 -13.92
CA ILE B 435 20.03 24.32 -14.94
C ILE B 435 20.10 24.85 -16.39
N GLY B 436 20.84 24.13 -17.23
CA GLY B 436 20.82 24.25 -18.71
C GLY B 436 19.72 23.40 -19.34
N PRO B 437 19.38 23.62 -20.63
CA PRO B 437 18.37 22.81 -21.33
C PRO B 437 18.78 21.35 -21.55
N GLU B 438 20.06 21.02 -21.41
CA GLU B 438 20.56 19.61 -21.46
C GLU B 438 20.99 19.11 -20.06
N THR B 439 20.72 19.82 -18.98
CA THR B 439 21.08 19.33 -17.61
C THR B 439 20.19 18.12 -17.29
N LEU B 440 18.91 18.17 -17.63
CA LEU B 440 17.98 17.03 -17.46
C LEU B 440 17.84 16.30 -18.79
N GLU B 441 17.72 14.99 -18.70
CA GLU B 441 17.13 14.24 -19.82
C GLU B 441 15.76 13.75 -19.38
N VAL B 442 14.69 14.11 -20.07
CA VAL B 442 13.36 13.76 -19.52
C VAL B 442 12.66 12.81 -20.47
N ARG B 443 12.15 11.71 -19.94
CA ARG B 443 11.41 10.74 -20.78
C ARG B 443 10.03 10.59 -20.18
N VAL B 444 9.03 10.40 -21.05
CA VAL B 444 7.68 9.92 -20.64
C VAL B 444 7.33 8.67 -21.44
N ASN B 445 7.08 7.60 -20.68
CA ASN B 445 6.93 6.20 -21.14
C ASN B 445 8.07 5.86 -22.10
N GLY B 446 9.28 6.31 -21.79
CA GLY B 446 10.51 6.01 -22.54
C GLY B 446 10.80 7.03 -23.63
N GLU B 447 9.85 7.88 -24.03
CA GLU B 447 10.04 8.80 -25.19
C GLU B 447 10.70 10.11 -24.72
N LEU B 448 11.81 10.50 -25.33
CA LEU B 448 12.47 11.82 -25.13
C LEU B 448 11.45 12.98 -25.19
N CYS B 449 11.55 13.90 -24.26
CA CYS B 449 10.68 15.09 -24.18
C CYS B 449 11.56 16.31 -24.52
N ALA B 450 11.04 17.29 -25.25
CA ALA B 450 11.85 18.46 -25.63
C ALA B 450 11.79 19.47 -24.46
N PHE B 451 12.92 20.05 -24.09
CA PHE B 451 12.99 21.25 -23.24
C PHE B 451 12.06 22.30 -23.84
N LEU B 452 11.22 22.91 -22.99
CA LEU B 452 10.40 24.11 -23.30
C LEU B 452 10.89 25.33 -22.53
N GLY B 453 11.51 25.15 -21.38
CA GLY B 453 11.99 26.26 -20.56
C GLY B 453 11.06 26.50 -19.39
N LEU B 454 11.28 27.61 -18.70
CA LEU B 454 10.50 28.04 -17.49
C LEU B 454 9.02 28.08 -17.86
N VAL B 455 8.19 27.33 -17.17
CA VAL B 455 6.71 27.36 -17.33
C VAL B 455 6.19 28.38 -16.31
N ASP B 456 5.34 29.32 -16.71
CA ASP B 456 4.72 30.21 -15.68
C ASP B 456 3.37 29.57 -15.26
N LEU B 457 3.38 28.86 -14.12
CA LEU B 457 2.17 28.17 -13.57
C LEU B 457 1.13 29.14 -12.99
N SER B 458 -0.15 28.80 -13.15
CA SER B 458 -1.24 29.39 -12.33
C SER B 458 -1.21 28.75 -10.93
N LYS B 459 -1.91 29.36 -9.97
CA LYS B 459 -2.03 28.81 -8.61
C LYS B 459 -2.86 27.54 -8.70
N PRO B 460 -2.60 26.46 -7.90
CA PRO B 460 -1.40 26.32 -7.07
C PRO B 460 -0.07 26.11 -7.84
N ARG B 461 1.01 26.68 -7.32
CA ARG B 461 2.35 26.63 -7.91
C ARG B 461 3.38 26.76 -6.81
N PRO B 462 4.55 26.14 -7.00
CA PRO B 462 5.66 26.23 -6.06
C PRO B 462 6.30 27.61 -6.15
N ASP B 463 7.14 27.97 -5.18
CA ASP B 463 7.94 29.21 -5.16
C ASP B 463 9.40 28.84 -5.49
N PHE B 464 9.57 28.02 -6.51
CA PHE B 464 10.88 27.75 -7.13
C PHE B 464 10.62 27.52 -8.61
N PRO B 465 11.67 27.69 -9.44
CA PRO B 465 11.58 27.49 -10.89
C PRO B 465 10.91 26.16 -11.31
N VAL B 466 9.97 26.23 -12.24
CA VAL B 466 9.32 25.03 -12.84
C VAL B 466 9.72 24.95 -14.32
N TYR B 467 10.38 23.85 -14.71
CA TYR B 467 10.85 23.67 -16.11
C TYR B 467 9.87 22.74 -16.82
N GLY B 468 9.51 23.14 -18.03
CA GLY B 468 8.52 22.42 -18.84
C GLY B 468 9.21 21.54 -19.86
N PHE B 469 8.58 20.41 -20.13
CA PHE B 469 9.11 19.37 -21.03
C PHE B 469 7.96 18.90 -21.89
N SER B 470 8.11 19.14 -23.19
CA SER B 470 7.08 18.86 -24.19
C SER B 470 7.07 17.35 -24.48
N VAL B 471 5.94 16.70 -24.26
CA VAL B 471 5.78 15.22 -24.35
C VAL B 471 5.14 14.87 -25.69
N PRO B 472 5.71 13.94 -26.49
CA PRO B 472 5.04 13.47 -27.70
C PRO B 472 3.65 12.93 -27.36
N LEU B 473 2.64 13.39 -28.08
CA LEU B 473 1.21 13.16 -27.72
C LEU B 473 0.99 11.66 -27.52
N ALA B 474 1.45 10.86 -28.48
CA ALA B 474 1.19 9.42 -28.61
C ALA B 474 1.88 8.65 -27.47
N ALA B 475 2.81 9.27 -26.75
CA ALA B 475 3.49 8.59 -25.62
C ALA B 475 2.50 8.43 -24.47
N MET B 476 1.59 9.41 -24.28
CA MET B 476 0.70 9.40 -23.10
C MET B 476 -0.19 8.17 -23.19
N ARG B 477 -0.35 7.43 -22.09
CA ARG B 477 -1.33 6.32 -22.04
C ARG B 477 -2.55 6.64 -21.14
N ARG B 478 -3.60 5.83 -21.23
CA ARG B 478 -4.65 5.79 -20.20
C ARG B 478 -4.08 5.35 -18.84
N GLY B 479 -4.42 6.08 -17.79
CA GLY B 479 -4.03 5.71 -16.41
C GLY B 479 -2.75 6.37 -15.99
N TYR B 480 -1.86 5.64 -15.32
CA TYR B 480 -0.51 6.14 -14.93
C TYR B 480 0.29 6.44 -16.21
N ASN B 481 1.14 7.46 -16.15
CA ASN B 481 2.21 7.78 -17.12
C ASN B 481 3.46 8.04 -16.31
N LEU B 482 4.59 7.55 -16.82
CA LEU B 482 5.88 7.56 -16.13
C LEU B 482 6.79 8.65 -16.68
N ILE B 483 7.11 9.61 -15.84
CA ILE B 483 8.23 10.55 -16.06
C ILE B 483 9.49 9.81 -15.61
N GLU B 484 10.52 9.79 -16.44
CA GLU B 484 11.83 9.25 -16.05
C GLU B 484 12.79 10.39 -16.32
N VAL B 485 13.71 10.64 -15.40
CA VAL B 485 14.62 11.80 -15.52
C VAL B 485 16.02 11.42 -15.01
N THR B 486 17.06 11.86 -15.70
CA THR B 486 18.47 11.74 -15.26
C THR B 486 19.05 13.16 -15.33
N ALA B 487 19.89 13.55 -14.38
CA ALA B 487 20.48 14.90 -14.32
C ALA B 487 21.99 14.74 -14.46
N ARG B 488 22.63 15.63 -15.21
CA ARG B 488 24.10 15.77 -15.23
C ARG B 488 24.59 16.51 -13.98
N GLN B 489 23.70 17.14 -13.19
CA GLN B 489 24.06 17.83 -11.92
C GLN B 489 23.07 17.44 -10.83
N GLU B 490 23.54 17.52 -9.59
CA GLU B 490 22.73 17.08 -8.45
C GLU B 490 21.63 18.13 -8.28
N LEU B 491 20.39 17.65 -8.20
CA LEU B 491 19.15 18.46 -8.22
C LEU B 491 18.17 17.85 -7.23
N ARG B 492 17.41 18.69 -6.56
CA ARG B 492 16.28 18.21 -5.75
C ARG B 492 14.96 18.64 -6.43
N PHE B 493 14.15 17.66 -6.81
CA PHE B 493 12.79 17.92 -7.34
C PHE B 493 11.84 18.21 -6.16
N GLY B 494 11.09 19.31 -6.26
CA GLY B 494 10.08 19.74 -5.25
C GLY B 494 8.66 19.65 -5.76
N TRP B 495 8.47 19.30 -7.02
CA TRP B 495 7.19 19.51 -7.76
C TRP B 495 7.27 18.73 -9.07
N ALA B 496 6.19 18.03 -9.41
CA ALA B 496 6.02 17.31 -10.68
C ALA B 496 4.58 17.45 -11.13
N GLU B 497 4.34 17.66 -12.42
CA GLU B 497 2.95 17.55 -12.93
C GLU B 497 2.94 17.23 -14.41
N PHE B 498 1.79 16.78 -14.86
CA PHE B 498 1.34 16.80 -16.28
C PHE B 498 0.26 17.90 -16.42
N LEU B 499 0.46 18.88 -17.31
CA LEU B 499 -0.55 19.85 -17.84
C LEU B 499 -1.00 19.34 -19.21
N ILE B 500 -2.32 19.15 -19.38
CA ILE B 500 -2.91 18.65 -20.65
C ILE B 500 -3.88 19.73 -21.13
N ARG B 501 -3.59 20.26 -22.31
CA ARG B 501 -4.25 21.46 -22.89
C ARG B 501 -4.71 21.03 -24.27
N PRO B 502 -5.98 20.58 -24.43
CA PRO B 502 -6.53 20.21 -25.73
C PRO B 502 -7.06 21.43 -26.49
S SO4 C . 18.42 -16.79 -7.32
O1 SO4 C . 17.96 -16.10 -6.09
O2 SO4 C . 17.76 -16.22 -8.51
O3 SO4 C . 18.10 -18.19 -7.23
O4 SO4 C . 19.83 -16.65 -7.41
C TAM D . 23.56 -15.89 0.07
C1 TAM D . 22.80 -15.65 -1.26
C2 TAM D . 24.69 -16.94 -0.15
C3 TAM D . 24.21 -14.61 0.70
C4 TAM D . 21.58 -14.80 -1.21
C5 TAM D . 24.25 -18.26 -0.74
C6 TAM D . 24.01 -13.28 -0.03
N TAM D . 22.55 -16.41 0.99
O4 TAM D . 20.55 -15.38 -1.92
O5 TAM D . 24.55 -18.41 -2.13
O6 TAM D . 24.74 -13.22 -1.24
C ACT E . 4.91 -6.81 -31.34
O ACT E . 5.11 -5.78 -30.75
OXT ACT E . 5.77 -7.34 -32.00
CH3 ACT E . 3.58 -7.51 -31.19
C1 GOL F . 20.98 -17.90 -9.75
O1 GOL F . 22.29 -17.48 -9.41
C2 GOL F . 21.03 -19.09 -10.68
O2 GOL F . 19.95 -20.01 -10.41
C3 GOL F . 21.13 -18.63 -12.13
O3 GOL F . 20.09 -19.15 -12.95
C1 GOL G . 4.14 -3.85 4.24
O1 GOL G . 3.45 -4.34 3.09
C2 GOL G . 5.39 -3.08 3.87
O2 GOL G . 6.16 -2.82 5.05
C3 GOL G . 5.12 -1.79 3.12
O3 GOL G . 4.15 -0.98 3.77
C ACT H . -15.64 -14.02 -8.31
O ACT H . -16.42 -13.60 -9.18
OXT ACT H . -14.71 -14.79 -8.57
CH3 ACT H . -15.87 -13.58 -6.84
C1 GOL I . -1.44 -0.47 13.44
O1 GOL I . -2.49 -0.99 12.65
C2 GOL I . -1.16 -1.37 14.62
O2 GOL I . -1.97 -2.55 14.66
C3 GOL I . 0.29 -1.75 14.71
O3 GOL I . 0.56 -2.34 15.99
C ACT J . 32.15 -9.36 -28.51
O ACT J . 30.91 -9.19 -28.54
OXT ACT J . 32.95 -8.51 -28.09
CH3 ACT J . 32.70 -10.70 -29.05
C ACT K . 29.62 -18.82 -26.39
O ACT K . 28.55 -19.32 -25.96
OXT ACT K . 30.47 -19.47 -27.04
CH3 ACT K . 29.88 -17.34 -26.12
C ACT L . 23.01 -43.76 -22.63
O ACT L . 22.21 -43.34 -23.50
OXT ACT L . 24.11 -44.31 -22.88
CH3 ACT L . 22.62 -43.57 -21.15
C TAM M . -7.57 25.94 4.14
C1 TAM M . -8.00 24.49 4.63
C2 TAM M . -8.77 26.94 4.08
C3 TAM M . -6.42 26.52 5.01
C4 TAM M . -8.52 24.46 6.09
C5 TAM M . -8.54 28.29 3.43
C6 TAM M . -5.01 26.39 4.51
N TAM M . -7.04 25.88 2.80
O4 TAM M . -9.62 23.58 6.39
O5 TAM M . -9.19 28.37 2.15
O6 TAM M . -4.11 26.83 5.52
S SO4 N . -11.71 21.35 8.89
O1 SO4 N . -11.09 22.51 9.44
O2 SO4 N . -13.02 21.72 8.48
O3 SO4 N . -11.76 20.27 9.88
O4 SO4 N . -10.94 20.89 7.77
C1 GOL O . -8.96 -4.01 4.21
O1 GOL O . -9.25 -5.27 4.79
C2 GOL O . -10.21 -3.17 4.24
O2 GOL O . -11.08 -3.66 5.27
C3 GOL O . -9.93 -1.70 4.38
O3 GOL O . -10.97 -1.07 5.10
C ACT P . 2.95 2.35 0.40
O ACT P . 3.33 3.15 -0.50
OXT ACT P . 3.62 1.35 0.81
CH3 ACT P . 1.57 2.59 0.98
C1 GOL Q . -12.88 23.60 11.64
O1 GOL Q . -12.06 24.76 11.84
C2 GOL Q . -14.23 23.84 12.28
O2 GOL Q . -15.23 23.10 11.57
C3 GOL Q . -14.18 23.57 13.78
O3 GOL Q . -14.78 22.33 14.16
C1 GOL R . 3.08 3.86 -15.18
O1 GOL R . 3.64 5.07 -14.71
C2 GOL R . 2.64 2.93 -14.06
O2 GOL R . 1.72 1.98 -14.60
C3 GOL R . 3.80 2.26 -13.36
O3 GOL R . 3.39 1.15 -12.56
C1 GOL S . 16.76 18.29 -23.75
O1 GOL S . 15.68 18.27 -24.67
C2 GOL S . 16.60 17.26 -22.66
O2 GOL S . 17.90 16.84 -22.20
C3 GOL S . 15.76 16.06 -23.11
O3 GOL S . 14.60 15.88 -22.31
C ACT T . -28.32 13.89 -11.50
O ACT T . -29.22 14.70 -11.18
OXT ACT T . -28.48 12.65 -11.46
CH3 ACT T . -26.98 14.47 -11.95
C ACT U . -31.02 29.72 -8.34
O ACT U . -32.04 29.51 -7.63
OXT ACT U . -30.43 28.83 -8.99
CH3 ACT U . -30.47 31.17 -8.41
#